data_5RAM
#
_entry.id   5RAM
#
_cell.length_a   57.030
_cell.length_b   93.500
_cell.length_c   92.920
_cell.angle_alpha   90.000
_cell.angle_beta   108.050
_cell.angle_gamma   90.000
#
_symmetry.space_group_name_H-M   'P 1 21 1'
#
loop_
_entity.id
_entity.type
_entity.pdbx_description
1 polymer 'Lysine-specific demethylase 3B'
2 non-polymer 'pyridine-4-carboxylic acid'
3 non-polymer 'CHLORIDE ION'
4 non-polymer 'MANGANESE (II) ION'
5 water water
#
_entity_poly.entity_id   1
_entity_poly.type   'polypeptide(L)'
_entity_poly.pdbx_seq_one_letter_code
;MHHHHHHSSGVDLGTENLYFQSMTSHSWLCDGRLLCLHDPSNKNNWKIFRECWKQGQPVLVSGVHKKLKSELWKPEAFSQ
EFGDQDVDLVNCRNCAIISDVKVRDFWDGFEIICKRLRSEDGQPMVLKLKDWPPGEDFRDMMPTRFEDLMENLPLPEYTK
RDGRLNLASRLPSYFVRPDLGPKMYNAYGLITAEDRRVGTTNLHLDVSDAVNVMVYVGIPIGEGAHDEEVLKTIDEGDAD
EVTKERIHDHKEKPGALWHIYAAKDAEKIRELLRKVGEEQGQENPPDHDPIHDQSWYLDQTLRKRLYEEYGVQGWAIVQF
LGDAVFIPAGAPHQVHNLYSCIKVAEDFVSPEHVKHCFRLTQEFRHLSNTHT
;
_entity_poly.pdbx_strand_id   A,B
#
loop_
_chem_comp.id
_chem_comp.type
_chem_comp.name
_chem_comp.formula
CL non-polymer 'CHLORIDE ION' 'Cl -1'
MN non-polymer 'MANGANESE (II) ION' 'Mn 2'
S3V non-polymer 'pyridine-4-carboxylic acid' 'C6 H5 N O2'
#
# COMPACT_ATOMS: atom_id res chain seq x y z
N SER A 22 -20.71 43.79 16.65
CA SER A 22 -19.88 43.41 17.85
C SER A 22 -19.11 42.10 17.57
N MET A 23 -17.89 41.98 18.11
N MET A 23 -17.88 41.96 18.09
CA MET A 23 -17.15 40.69 18.21
CA MET A 23 -17.10 40.68 18.05
C MET A 23 -18.09 39.67 18.85
C MET A 23 -17.86 39.63 18.87
N THR A 24 -18.26 38.51 18.21
CA THR A 24 -18.98 37.37 18.81
C THR A 24 -18.05 36.14 18.77
N SER A 25 -18.33 35.19 19.65
CA SER A 25 -17.65 33.89 19.80
C SER A 25 -17.83 33.03 18.53
N HIS A 26 -19.02 33.03 17.92
CA HIS A 26 -19.38 32.14 16.79
C HIS A 26 -20.68 32.55 16.11
N SER A 27 -20.94 31.93 14.97
CA SER A 27 -22.13 32.05 14.12
C SER A 27 -22.39 30.69 13.45
N TRP A 28 -23.44 30.60 12.65
CA TRP A 28 -23.82 29.38 11.90
C TRP A 28 -23.81 29.69 10.40
N LEU A 29 -23.29 28.75 9.61
CA LEU A 29 -23.46 28.73 8.15
C LEU A 29 -24.28 27.49 7.81
N CYS A 30 -24.53 27.25 6.53
CA CYS A 30 -25.35 26.10 6.03
C CYS A 30 -26.67 26.03 6.80
N ASP A 31 -27.32 27.16 7.02
CA ASP A 31 -28.64 27.30 7.69
C ASP A 31 -28.65 26.69 9.09
N GLY A 32 -27.62 26.92 9.90
CA GLY A 32 -27.54 26.33 11.26
C GLY A 32 -26.85 24.97 11.32
N ARG A 33 -26.56 24.34 10.17
CA ARG A 33 -25.95 22.99 10.20
C ARG A 33 -24.42 23.08 10.36
N LEU A 34 -23.80 24.26 10.30
CA LEU A 34 -22.31 24.37 10.32
C LEU A 34 -21.85 25.41 11.34
N LEU A 35 -21.14 24.98 12.37
CA LEU A 35 -20.50 25.93 13.33
C LEU A 35 -19.37 26.74 12.66
N CYS A 36 -19.39 28.07 12.84
N CYS A 36 -19.35 28.04 12.94
CA CYS A 36 -18.28 28.97 12.48
CA CYS A 36 -18.28 28.98 12.52
C CYS A 36 -17.73 29.67 13.73
C CYS A 36 -17.71 29.71 13.73
N LEU A 37 -16.55 29.26 14.22
CA LEU A 37 -15.84 29.90 15.35
C LEU A 37 -15.09 31.14 14.83
N HIS A 38 -15.09 32.26 15.59
CA HIS A 38 -14.63 33.58 15.07
C HIS A 38 -13.21 33.91 15.50
N ASP A 39 -12.76 33.37 16.60
CA ASP A 39 -11.44 33.70 17.23
C ASP A 39 -10.64 32.40 17.35
N PRO A 40 -9.64 32.19 16.48
CA PRO A 40 -8.90 30.94 16.48
C PRO A 40 -8.14 30.63 17.78
N SER A 41 -7.87 31.61 18.66
CA SER A 41 -7.06 31.38 19.89
C SER A 41 -7.89 31.60 21.17
N ASN A 42 -9.22 31.55 21.05
CA ASN A 42 -10.15 31.57 22.22
C ASN A 42 -10.01 30.24 22.97
N LYS A 43 -9.56 30.27 24.23
CA LYS A 43 -9.26 29.05 25.05
C LYS A 43 -10.56 28.29 25.37
N ASN A 44 -11.75 28.86 25.13
CA ASN A 44 -13.08 28.28 25.42
C ASN A 44 -13.75 27.69 24.15
N ASN A 45 -13.13 27.75 22.98
CA ASN A 45 -13.68 27.17 21.71
C ASN A 45 -14.13 25.72 21.90
N TRP A 46 -13.34 24.91 22.61
CA TRP A 46 -13.62 23.45 22.75
C TRP A 46 -15.06 23.19 23.23
N LYS A 47 -15.67 24.08 24.00
CA LYS A 47 -16.99 23.76 24.64
C LYS A 47 -18.09 23.71 23.57
N ILE A 48 -17.97 24.59 22.57
CA ILE A 48 -18.89 24.72 21.38
C ILE A 48 -18.51 23.65 20.35
N PHE A 49 -17.24 23.53 20.11
CA PHE A 49 -16.67 22.62 19.09
C PHE A 49 -17.11 21.21 19.33
N ARG A 50 -16.95 20.73 20.56
N ARG A 50 -16.95 20.72 20.55
CA ARG A 50 -17.01 19.30 20.92
CA ARG A 50 -17.01 19.26 20.84
C ARG A 50 -18.42 18.72 20.65
C ARG A 50 -18.44 18.73 20.63
N GLU A 51 -19.48 19.49 20.92
CA GLU A 51 -20.88 19.04 20.70
C GLU A 51 -21.15 18.82 19.19
N CYS A 52 -20.67 19.72 18.32
CA CYS A 52 -20.81 19.63 16.85
C CYS A 52 -19.95 18.49 16.30
N TRP A 53 -18.75 18.39 16.79
CA TRP A 53 -17.78 17.37 16.30
C TRP A 53 -18.25 15.95 16.64
N LYS A 54 -18.84 15.74 17.83
CA LYS A 54 -19.20 14.38 18.30
C LYS A 54 -20.31 13.87 17.37
N GLN A 55 -21.08 14.77 16.76
CA GLN A 55 -22.21 14.45 15.84
C GLN A 55 -21.67 14.23 14.42
N GLY A 56 -20.36 14.35 14.20
CA GLY A 56 -19.75 14.05 12.90
C GLY A 56 -19.88 15.19 11.90
N GLN A 57 -20.11 16.42 12.37
CA GLN A 57 -20.18 17.61 11.49
C GLN A 57 -18.78 18.15 11.29
N PRO A 58 -18.50 18.73 10.10
CA PRO A 58 -17.34 19.58 9.92
C PRO A 58 -17.60 20.89 10.66
N VAL A 59 -16.50 21.60 10.94
CA VAL A 59 -16.46 22.92 11.64
C VAL A 59 -15.56 23.88 10.84
N LEU A 60 -15.89 25.16 10.84
CA LEU A 60 -15.09 26.25 10.21
C LEU A 60 -14.60 27.21 11.32
N VAL A 61 -13.30 27.55 11.29
CA VAL A 61 -12.71 28.62 12.15
C VAL A 61 -12.08 29.69 11.26
N SER A 62 -12.55 30.92 11.37
CA SER A 62 -12.10 32.05 10.53
C SER A 62 -11.02 32.81 11.30
N GLY A 63 -10.21 33.62 10.59
CA GLY A 63 -9.29 34.60 11.21
C GLY A 63 -7.91 34.05 11.47
N VAL A 64 -7.57 32.90 10.93
CA VAL A 64 -6.24 32.27 11.20
C VAL A 64 -5.11 33.04 10.49
N HIS A 65 -5.39 33.64 9.35
CA HIS A 65 -4.42 34.44 8.55
C HIS A 65 -3.84 35.56 9.41
N LYS A 66 -4.68 36.23 10.20
CA LYS A 66 -4.25 37.36 11.06
C LYS A 66 -3.23 36.92 12.12
N LYS A 67 -3.10 35.62 12.44
CA LYS A 67 -2.13 35.09 13.44
C LYS A 67 -0.80 34.68 12.81
N LEU A 68 -0.71 34.62 11.47
CA LEU A 68 0.46 34.07 10.75
C LEU A 68 1.39 35.22 10.32
N LYS A 69 2.64 34.90 10.00
CA LYS A 69 3.64 35.83 9.42
C LYS A 69 3.39 35.81 7.91
N SER A 70 2.57 36.74 7.41
CA SER A 70 2.00 36.70 6.04
C SER A 70 3.10 36.65 4.95
N GLU A 71 4.31 37.15 5.24
CA GLU A 71 5.45 37.20 4.28
C GLU A 71 5.96 35.76 4.02
N LEU A 72 5.74 34.82 4.95
CA LEU A 72 6.16 33.39 4.84
C LEU A 72 5.27 32.59 3.86
N TRP A 73 4.12 33.12 3.42
CA TRP A 73 3.10 32.30 2.70
C TRP A 73 2.80 32.89 1.31
N LYS A 74 3.76 33.55 0.68
CA LYS A 74 3.52 34.18 -0.65
C LYS A 74 4.10 33.27 -1.72
N PRO A 75 3.42 33.16 -2.87
CA PRO A 75 3.95 32.42 -4.02
C PRO A 75 5.33 32.88 -4.51
N GLU A 76 5.62 34.19 -4.54
CA GLU A 76 6.96 34.73 -4.94
C GLU A 76 8.04 34.14 -4.00
N ALA A 77 7.77 33.99 -2.70
CA ALA A 77 8.80 33.52 -1.74
C ALA A 77 9.11 32.03 -2.01
N PHE A 78 8.08 31.27 -2.36
CA PHE A 78 8.26 29.81 -2.58
C PHE A 78 9.08 29.63 -3.87
N SER A 79 8.82 30.42 -4.90
CA SER A 79 9.60 30.36 -6.16
C SER A 79 11.07 30.72 -5.87
N GLN A 80 11.33 31.84 -5.16
CA GLN A 80 12.70 32.38 -4.93
C GLN A 80 13.48 31.33 -4.17
N GLU A 81 12.92 30.81 -3.08
CA GLU A 81 13.62 29.90 -2.15
C GLU A 81 13.75 28.48 -2.71
N PHE A 82 12.77 27.95 -3.46
CA PHE A 82 12.72 26.49 -3.81
C PHE A 82 12.51 26.23 -5.31
N GLY A 83 12.64 27.27 -6.16
CA GLY A 83 12.29 27.22 -7.59
C GLY A 83 13.02 26.14 -8.37
N ASP A 84 14.20 25.72 -7.90
CA ASP A 84 15.08 24.80 -8.65
C ASP A 84 14.79 23.32 -8.36
N GLN A 85 13.84 22.98 -7.47
CA GLN A 85 13.48 21.56 -7.21
C GLN A 85 12.64 21.00 -8.36
N ASP A 86 12.76 19.70 -8.65
CA ASP A 86 12.01 18.96 -9.70
C ASP A 86 10.70 18.40 -9.11
N VAL A 87 9.62 18.34 -9.91
CA VAL A 87 8.25 18.04 -9.44
C VAL A 87 7.44 17.61 -10.64
N ASP A 88 6.30 17.00 -10.38
CA ASP A 88 5.25 16.75 -11.38
C ASP A 88 4.06 17.64 -11.04
N LEU A 89 3.29 18.02 -12.06
CA LEU A 89 2.06 18.81 -11.92
C LEU A 89 0.93 17.95 -12.51
N VAL A 90 -0.33 18.33 -12.26
CA VAL A 90 -1.51 17.68 -12.90
C VAL A 90 -2.28 18.78 -13.61
N ASN A 91 -2.67 18.53 -14.85
CA ASN A 91 -3.65 19.34 -15.61
C ASN A 91 -5.04 19.01 -15.03
N CYS A 92 -5.64 19.92 -14.24
CA CYS A 92 -6.90 19.70 -13.51
C CYS A 92 -8.05 19.43 -14.49
N ARG A 93 -7.96 19.93 -15.72
CA ARG A 93 -9.07 19.84 -16.72
C ARG A 93 -9.18 18.44 -17.29
N ASN A 94 -8.10 17.66 -17.32
CA ASN A 94 -8.12 16.31 -17.95
C ASN A 94 -7.30 15.29 -17.17
N CYS A 95 -6.67 15.65 -16.04
CA CYS A 95 -5.93 14.72 -15.14
C CYS A 95 -4.54 14.27 -15.67
N ALA A 96 -4.10 14.78 -16.82
CA ALA A 96 -2.78 14.49 -17.43
C ALA A 96 -1.67 14.93 -16.47
N ILE A 97 -0.66 14.08 -16.29
CA ILE A 97 0.55 14.42 -15.49
C ILE A 97 1.53 15.16 -16.39
N ILE A 98 2.07 16.29 -15.92
CA ILE A 98 3.23 17.00 -16.51
C ILE A 98 4.43 16.65 -15.64
N SER A 99 5.35 15.85 -16.19
CA SER A 99 6.45 15.14 -15.50
C SER A 99 7.74 15.96 -15.40
N ASP A 100 8.42 15.89 -14.27
CA ASP A 100 9.82 16.33 -14.11
C ASP A 100 10.01 17.74 -14.65
N VAL A 101 9.23 18.72 -14.16
CA VAL A 101 9.48 20.17 -14.44
C VAL A 101 10.01 20.82 -13.16
N LYS A 102 10.39 22.09 -13.22
CA LYS A 102 10.90 22.88 -12.07
C LYS A 102 9.72 23.51 -11.34
N VAL A 103 9.80 23.57 -10.03
CA VAL A 103 8.71 24.09 -9.18
C VAL A 103 8.49 25.58 -9.49
N ARG A 104 9.50 26.34 -9.95
CA ARG A 104 9.25 27.74 -10.44
C ARG A 104 8.29 27.77 -11.64
N ASP A 105 8.24 26.73 -12.49
CA ASP A 105 7.32 26.73 -13.65
C ASP A 105 5.88 26.85 -13.15
N PHE A 106 5.57 26.22 -12.01
CA PHE A 106 4.24 26.30 -11.37
C PHE A 106 4.05 27.68 -10.70
N TRP A 107 4.95 28.08 -9.82
CA TRP A 107 4.74 29.27 -8.96
C TRP A 107 4.68 30.57 -9.78
N ASP A 108 5.54 30.73 -10.80
CA ASP A 108 5.63 32.02 -11.55
C ASP A 108 4.33 32.26 -12.34
N GLY A 109 3.56 31.21 -12.66
CA GLY A 109 2.22 31.35 -13.27
C GLY A 109 1.04 31.37 -12.26
N PHE A 110 1.29 31.43 -10.96
CA PHE A 110 0.24 31.27 -9.89
C PHE A 110 -0.84 32.34 -10.08
N GLU A 111 -0.43 33.60 -10.28
CA GLU A 111 -1.29 34.81 -10.41
C GLU A 111 -1.15 35.49 -11.77
N ILE A 112 -0.01 35.39 -12.47
CA ILE A 112 0.17 35.99 -13.84
C ILE A 112 -0.14 34.94 -14.89
N ILE A 113 -1.29 35.06 -15.53
CA ILE A 113 -1.85 34.00 -16.39
C ILE A 113 -0.93 33.76 -17.57
N CYS A 114 -0.34 34.82 -18.15
CA CYS A 114 0.44 34.71 -19.41
C CYS A 114 1.77 34.03 -19.11
N LYS A 115 2.10 33.74 -17.85
CA LYS A 115 3.28 32.90 -17.56
C LYS A 115 2.95 31.41 -17.37
N ARG A 116 1.70 30.95 -17.55
CA ARG A 116 1.34 29.53 -17.25
C ARG A 116 1.77 28.65 -18.42
N LEU A 117 2.22 27.45 -18.10
CA LEU A 117 2.36 26.39 -19.17
C LEU A 117 1.04 26.31 -19.97
N ARG A 118 1.16 26.09 -21.28
CA ARG A 118 0.00 26.02 -22.22
C ARG A 118 -0.19 24.60 -22.72
N SER A 119 -1.46 24.22 -22.96
CA SER A 119 -1.84 22.92 -23.57
C SER A 119 -1.82 23.05 -25.12
N GLU A 120 -1.88 21.91 -25.82
CA GLU A 120 -1.88 21.80 -27.31
C GLU A 120 -2.82 22.82 -27.91
N ASP A 121 -3.93 23.12 -27.23
CA ASP A 121 -4.99 24.05 -27.73
C ASP A 121 -4.54 25.51 -27.57
N GLY A 122 -3.39 25.77 -26.96
CA GLY A 122 -2.87 27.15 -26.75
C GLY A 122 -3.48 27.88 -25.56
N GLN A 123 -4.25 27.17 -24.72
CA GLN A 123 -4.88 27.84 -23.55
C GLN A 123 -3.90 27.74 -22.39
N PRO A 124 -3.85 28.73 -21.48
CA PRO A 124 -3.10 28.52 -20.24
C PRO A 124 -3.75 27.42 -19.34
N MET A 125 -2.95 26.46 -18.87
CA MET A 125 -3.48 25.27 -18.14
C MET A 125 -3.84 25.65 -16.70
N VAL A 126 -4.86 25.00 -16.16
CA VAL A 126 -5.20 25.02 -14.71
C VAL A 126 -4.44 23.87 -14.08
N LEU A 127 -3.45 24.18 -13.27
CA LEU A 127 -2.47 23.22 -12.74
C LEU A 127 -2.57 23.05 -11.22
N LYS A 128 -2.26 21.82 -10.79
CA LYS A 128 -2.03 21.42 -9.38
C LYS A 128 -0.58 20.93 -9.29
N LEU A 129 0.18 21.43 -8.31
CA LEU A 129 1.50 20.94 -7.92
C LEU A 129 1.30 19.67 -7.06
N LYS A 130 1.74 18.51 -7.56
CA LYS A 130 1.60 17.18 -6.91
C LYS A 130 2.68 16.96 -5.83
N ASP A 131 2.29 16.57 -4.62
CA ASP A 131 3.16 15.98 -3.55
C ASP A 131 4.36 16.88 -3.23
N TRP A 132 4.12 18.14 -2.81
CA TRP A 132 5.20 19.13 -2.60
C TRP A 132 4.87 19.98 -1.39
N PRO A 133 5.78 20.13 -0.41
CA PRO A 133 6.97 19.31 -0.27
C PRO A 133 6.65 17.83 -0.18
N PRO A 134 7.57 16.98 -0.67
CA PRO A 134 7.26 15.57 -0.88
C PRO A 134 7.18 14.79 0.45
N GLY A 135 6.23 13.83 0.51
CA GLY A 135 5.91 12.99 1.69
C GLY A 135 5.86 13.79 2.96
N GLU A 136 6.86 13.60 3.82
CA GLU A 136 6.87 14.14 5.20
C GLU A 136 8.00 15.17 5.37
N ASP A 137 8.54 15.72 4.27
CA ASP A 137 9.73 16.62 4.31
C ASP A 137 9.32 18.06 4.65
N PHE A 138 8.05 18.34 4.90
CA PHE A 138 7.59 19.73 5.09
C PHE A 138 8.45 20.37 6.17
N ARG A 139 8.69 19.71 7.30
CA ARG A 139 9.35 20.36 8.48
C ARG A 139 10.85 20.58 8.24
N ASP A 140 11.51 19.63 7.57
CA ASP A 140 12.95 19.69 7.21
C ASP A 140 13.17 20.81 6.19
N MET A 141 12.31 20.90 5.16
CA MET A 141 12.53 21.88 4.06
C MET A 141 12.16 23.29 4.53
N MET A 142 11.14 23.41 5.38
CA MET A 142 10.49 24.71 5.72
C MET A 142 10.27 24.86 7.22
N PRO A 143 11.33 24.81 8.06
CA PRO A 143 11.17 24.77 9.51
C PRO A 143 10.56 26.03 10.13
N THR A 144 10.72 27.21 9.51
CA THR A 144 10.05 28.47 9.99
C THR A 144 8.54 28.49 9.69
N ARG A 145 8.13 28.05 8.49
CA ARG A 145 6.72 27.86 8.07
C ARG A 145 6.04 26.91 9.04
N PHE A 146 6.68 25.77 9.31
CA PHE A 146 6.18 24.72 10.22
C PHE A 146 5.91 25.33 11.61
N GLU A 147 6.91 25.97 12.20
CA GLU A 147 6.75 26.68 13.48
C GLU A 147 5.54 27.61 13.38
N ASP A 148 5.47 28.46 12.35
CA ASP A 148 4.42 29.51 12.20
C ASP A 148 3.02 28.87 12.15
N LEU A 149 2.89 27.74 11.46
CA LEU A 149 1.60 27.05 11.35
C LEU A 149 1.25 26.37 12.68
N MET A 150 2.11 25.51 13.19
CA MET A 150 1.81 24.64 14.38
C MET A 150 1.47 25.51 15.61
N GLU A 151 2.12 26.65 15.78
CA GLU A 151 1.91 27.55 16.94
C GLU A 151 0.57 28.29 16.84
N ASN A 152 -0.11 28.25 15.69
CA ASN A 152 -1.31 29.09 15.50
C ASN A 152 -2.52 28.26 15.04
N LEU A 153 -2.41 26.94 14.99
CA LEU A 153 -3.59 26.09 14.65
C LEU A 153 -4.63 26.29 15.74
N PRO A 154 -5.91 26.38 15.33
CA PRO A 154 -7.02 26.35 16.28
C PRO A 154 -7.26 24.97 16.92
N LEU A 155 -8.02 24.95 18.04
CA LEU A 155 -8.32 23.75 18.83
C LEU A 155 -7.01 22.98 19.03
N PRO A 156 -5.99 23.57 19.70
CA PRO A 156 -4.66 22.96 19.76
C PRO A 156 -4.59 21.64 20.52
N GLU A 157 -5.50 21.39 21.47
CA GLU A 157 -5.51 20.09 22.19
C GLU A 157 -5.85 18.93 21.25
N TYR A 158 -6.63 19.21 20.23
CA TYR A 158 -6.98 18.25 19.15
C TYR A 158 -5.87 18.26 18.08
N THR A 159 -5.37 19.42 17.69
CA THR A 159 -4.60 19.50 16.42
C THR A 159 -3.06 19.48 16.57
N LYS A 160 -2.47 19.88 17.70
CA LYS A 160 -1.00 19.81 17.89
C LYS A 160 -0.55 18.35 18.05
N ARG A 161 0.70 18.08 17.66
CA ARG A 161 1.22 16.69 17.55
C ARG A 161 1.10 16.03 18.92
N ASP A 162 1.36 16.82 19.98
CA ASP A 162 1.34 16.38 21.40
C ASP A 162 0.09 16.88 22.17
N GLY A 163 -0.98 17.32 21.50
CA GLY A 163 -2.18 17.82 22.18
C GLY A 163 -2.81 16.74 23.03
N ARG A 164 -3.45 17.12 24.14
CA ARG A 164 -4.06 16.19 25.14
C ARG A 164 -5.15 15.30 24.53
N LEU A 165 -5.78 15.68 23.42
CA LEU A 165 -6.89 14.95 22.78
C LEU A 165 -6.49 14.52 21.39
N ASN A 166 -5.19 14.57 21.04
CA ASN A 166 -4.72 13.96 19.78
C ASN A 166 -4.19 12.56 20.13
N LEU A 167 -4.83 11.50 19.68
CA LEU A 167 -4.36 10.12 19.98
C LEU A 167 -3.35 9.63 18.92
N ALA A 168 -2.79 10.49 18.05
CA ALA A 168 -1.99 10.03 16.89
C ALA A 168 -0.83 9.18 17.38
N SER A 169 -0.09 9.70 18.36
CA SER A 169 1.19 9.17 18.85
C SER A 169 0.96 8.16 19.96
N ARG A 170 -0.27 7.75 20.23
CA ARG A 170 -0.68 7.08 21.48
C ARG A 170 -1.38 5.75 21.17
N LEU A 171 -1.54 5.38 19.91
CA LEU A 171 -2.37 4.22 19.48
C LEU A 171 -1.49 3.04 19.05
N PRO A 172 -1.89 1.77 19.32
CA PRO A 172 -1.13 0.64 18.78
C PRO A 172 -1.35 0.47 17.27
N SER A 173 -0.64 -0.50 16.66
CA SER A 173 -0.63 -0.80 15.20
C SER A 173 -1.95 -1.37 14.72
N TYR A 174 -2.83 -1.70 15.64
CA TYR A 174 -4.24 -2.04 15.34
C TYR A 174 -4.97 -0.82 14.76
N PHE A 175 -4.40 0.38 14.91
CA PHE A 175 -4.93 1.63 14.30
C PHE A 175 -3.96 2.14 13.24
N VAL A 176 -4.50 2.66 12.14
CA VAL A 176 -3.74 3.34 11.03
C VAL A 176 -3.39 4.72 11.53
N ARG A 177 -2.10 5.04 11.65
CA ARG A 177 -1.58 6.30 12.24
C ARG A 177 -1.32 7.27 11.08
N PRO A 178 -1.65 8.57 11.13
CA PRO A 178 -1.35 9.45 10.01
C PRO A 178 0.16 9.65 9.86
N ASP A 179 0.64 9.91 8.63
CA ASP A 179 2.02 10.36 8.34
C ASP A 179 2.17 11.71 9.05
N LEU A 180 3.40 12.04 9.42
CA LEU A 180 3.77 13.36 9.98
C LEU A 180 3.60 14.42 8.89
N GLY A 181 2.89 15.49 9.22
CA GLY A 181 2.59 16.54 8.24
C GLY A 181 3.32 17.79 8.68
N PRO A 182 2.80 18.99 8.38
CA PRO A 182 1.66 19.13 7.49
C PRO A 182 1.86 18.73 6.02
N LYS A 183 0.76 18.75 5.26
CA LYS A 183 0.69 18.64 3.77
C LYS A 183 0.34 20.02 3.18
N MET A 184 0.94 20.38 2.04
CA MET A 184 0.55 21.60 1.31
C MET A 184 -0.33 21.20 0.15
N TYR A 185 -1.38 21.97 -0.15
CA TYR A 185 -2.23 21.77 -1.35
C TYR A 185 -2.16 23.08 -2.15
N ASN A 186 -1.42 23.07 -3.25
CA ASN A 186 -1.17 24.28 -4.06
C ASN A 186 -1.81 24.09 -5.43
N ALA A 187 -2.73 24.95 -5.86
CA ALA A 187 -3.33 24.73 -7.20
C ALA A 187 -3.94 26.01 -7.76
N TYR A 188 -3.93 26.15 -9.10
CA TYR A 188 -4.58 27.30 -9.77
C TYR A 188 -6.11 27.23 -9.50
N GLY A 189 -6.82 28.36 -9.66
CA GLY A 189 -8.29 28.40 -9.70
C GLY A 189 -8.81 27.91 -11.05
N LEU A 190 -9.96 27.26 -11.01
CA LEU A 190 -10.71 26.86 -12.21
C LEU A 190 -11.45 28.09 -12.72
N ILE A 191 -11.54 28.23 -14.04
CA ILE A 191 -11.83 29.55 -14.68
C ILE A 191 -13.23 29.54 -15.32
N THR A 192 -13.42 28.67 -16.31
CA THR A 192 -14.52 28.79 -17.29
C THR A 192 -15.80 28.13 -16.75
N ALA A 193 -16.87 28.22 -17.55
CA ALA A 193 -18.17 27.56 -17.29
C ALA A 193 -18.02 26.04 -17.36
N GLU A 194 -17.25 25.52 -18.33
CA GLU A 194 -16.94 24.06 -18.43
C GLU A 194 -16.19 23.59 -17.18
N ASP A 195 -15.30 24.41 -16.61
CA ASP A 195 -14.47 24.03 -15.45
C ASP A 195 -15.36 23.86 -14.20
N ARG A 196 -16.62 24.33 -14.23
CA ARG A 196 -17.58 24.26 -13.08
C ARG A 196 -17.84 22.80 -12.68
N ARG A 197 -17.76 21.88 -13.63
CA ARG A 197 -18.02 20.42 -13.44
C ARG A 197 -16.73 19.68 -13.03
N VAL A 198 -15.62 20.37 -12.79
CA VAL A 198 -14.30 19.73 -12.56
C VAL A 198 -13.86 19.99 -11.11
N GLY A 199 -13.08 19.07 -10.57
CA GLY A 199 -12.53 19.22 -9.21
C GLY A 199 -11.06 19.60 -9.25
N THR A 200 -10.61 20.46 -8.33
CA THR A 200 -9.20 20.59 -7.93
C THR A 200 -8.77 19.27 -7.30
N THR A 201 -9.56 18.75 -6.35
CA THR A 201 -9.34 17.42 -5.75
C THR A 201 -10.68 16.69 -5.75
N ASN A 202 -10.72 15.51 -6.37
CA ASN A 202 -11.93 14.66 -6.49
C ASN A 202 -12.41 14.16 -5.14
N LEU A 203 -13.63 13.64 -5.14
CA LEU A 203 -14.27 13.03 -3.95
C LEU A 203 -13.41 11.88 -3.39
N HIS A 204 -13.04 11.95 -2.11
CA HIS A 204 -12.25 10.92 -1.40
C HIS A 204 -12.55 11.00 0.10
N LEU A 205 -12.08 10.04 0.90
CA LEU A 205 -12.19 10.11 2.37
C LEU A 205 -10.82 9.76 2.97
N ASP A 206 -10.53 10.28 4.16
CA ASP A 206 -9.30 10.05 4.97
C ASP A 206 -9.71 9.32 6.25
N VAL A 207 -8.88 8.39 6.73
CA VAL A 207 -9.12 7.60 7.97
C VAL A 207 -8.81 8.40 9.23
N SER A 208 -8.02 9.48 9.13
N SER A 208 -8.03 9.48 9.12
CA SER A 208 -7.76 10.43 10.25
CA SER A 208 -7.74 10.41 10.24
C SER A 208 -8.61 11.69 10.08
C SER A 208 -8.56 11.70 10.07
N ASP A 209 -8.72 12.46 11.16
CA ASP A 209 -9.25 13.86 11.15
C ASP A 209 -8.20 14.74 10.46
N ALA A 210 -8.60 15.88 9.92
CA ALA A 210 -7.65 16.91 9.41
C ALA A 210 -8.23 18.31 9.64
N VAL A 211 -7.34 19.28 9.85
CA VAL A 211 -7.62 20.74 9.82
C VAL A 211 -6.86 21.31 8.60
N ASN A 212 -7.56 21.95 7.66
CA ASN A 212 -7.00 22.45 6.38
C ASN A 212 -7.11 23.98 6.45
N VAL A 213 -5.98 24.72 6.41
CA VAL A 213 -5.98 26.21 6.58
C VAL A 213 -5.65 26.94 5.25
N MET A 214 -6.47 27.89 4.80
CA MET A 214 -6.22 28.73 3.60
C MET A 214 -5.27 29.85 4.00
N VAL A 215 -3.99 29.75 3.62
CA VAL A 215 -2.92 30.72 4.01
C VAL A 215 -2.73 31.78 2.90
N TYR A 216 -3.24 31.59 1.70
CA TYR A 216 -3.06 32.57 0.61
C TYR A 216 -4.07 32.27 -0.49
N VAL A 217 -4.69 33.33 -0.99
CA VAL A 217 -5.60 33.31 -2.17
C VAL A 217 -5.05 34.32 -3.20
N GLY A 218 -4.73 33.85 -4.40
CA GLY A 218 -4.19 34.68 -5.48
C GLY A 218 -5.27 34.95 -6.51
N ILE A 219 -5.68 36.20 -6.58
CA ILE A 219 -6.62 36.70 -7.62
C ILE A 219 -5.77 37.13 -8.81
N PRO A 220 -5.92 36.49 -9.98
CA PRO A 220 -5.09 36.80 -11.14
C PRO A 220 -5.35 38.15 -11.81
N ILE A 221 -4.60 38.36 -12.90
CA ILE A 221 -4.41 39.59 -13.72
C ILE A 221 -3.83 39.11 -15.07
N GLY A 222 -4.25 39.75 -16.18
CA GLY A 222 -4.12 39.25 -17.56
C GLY A 222 -5.49 38.96 -18.11
N GLU A 223 -6.14 37.92 -17.56
CA GLU A 223 -7.59 37.63 -17.71
C GLU A 223 -8.27 37.96 -16.36
N GLY A 224 -7.81 39.04 -15.71
CA GLY A 224 -8.33 39.54 -14.42
C GLY A 224 -9.58 40.37 -14.60
N ALA A 225 -10.71 39.69 -14.86
CA ALA A 225 -12.09 40.24 -14.94
C ALA A 225 -13.07 39.06 -14.83
N HIS A 226 -12.76 38.14 -13.90
CA HIS A 226 -13.32 36.76 -13.79
C HIS A 226 -14.15 36.69 -12.50
N ASP A 227 -14.73 37.82 -12.09
CA ASP A 227 -15.44 37.97 -10.79
C ASP A 227 -16.84 37.35 -10.81
N GLU A 228 -17.44 37.24 -12.00
CA GLU A 228 -18.91 36.96 -12.17
C GLU A 228 -19.15 35.45 -12.27
N GLU A 229 -18.23 34.73 -12.92
CA GLU A 229 -18.26 33.25 -12.97
C GLU A 229 -17.99 32.66 -11.57
N VAL A 230 -17.20 33.33 -10.72
CA VAL A 230 -17.01 32.95 -9.29
C VAL A 230 -18.37 32.95 -8.55
N LEU A 231 -19.27 33.92 -8.82
CA LEU A 231 -20.60 34.02 -8.14
C LEU A 231 -21.55 32.90 -8.61
N LYS A 232 -21.54 32.61 -9.91
N LYS A 232 -21.58 32.64 -9.92
CA LYS A 232 -22.38 31.54 -10.52
CA LYS A 232 -22.37 31.53 -10.52
C LYS A 232 -21.91 30.16 -10.01
C LYS A 232 -21.92 30.20 -9.90
N THR A 233 -20.60 29.98 -9.79
CA THR A 233 -20.04 28.70 -9.25
C THR A 233 -20.54 28.48 -7.80
N ILE A 234 -20.45 29.52 -6.98
CA ILE A 234 -20.85 29.50 -5.56
C ILE A 234 -22.37 29.32 -5.46
N ASP A 235 -23.12 30.08 -6.27
CA ASP A 235 -24.61 29.99 -6.40
C ASP A 235 -25.04 28.54 -6.73
N GLU A 236 -24.57 28.02 -7.85
CA GLU A 236 -24.89 26.67 -8.38
C GLU A 236 -24.26 25.61 -7.44
N GLY A 237 -23.25 26.00 -6.64
CA GLY A 237 -22.56 25.15 -5.66
C GLY A 237 -23.43 24.87 -4.45
N ASP A 238 -24.51 25.65 -4.30
CA ASP A 238 -25.59 25.48 -3.30
C ASP A 238 -25.15 26.18 -2.02
N ALA A 239 -24.34 27.22 -2.11
CA ALA A 239 -23.84 27.91 -0.90
C ALA A 239 -24.98 28.71 -0.28
N ASP A 240 -24.92 28.95 1.04
CA ASP A 240 -26.03 29.56 1.82
C ASP A 240 -25.97 31.08 1.65
N GLU A 241 -27.01 31.77 2.13
CA GLU A 241 -27.16 33.25 1.98
C GLU A 241 -26.19 33.98 2.92
N VAL A 242 -25.95 33.45 4.12
CA VAL A 242 -24.98 34.06 5.09
C VAL A 242 -23.58 34.07 4.45
N THR A 243 -23.27 33.06 3.63
CA THR A 243 -21.94 32.85 2.99
C THR A 243 -21.81 33.86 1.86
N LYS A 244 -22.88 34.08 1.10
CA LYS A 244 -22.86 35.07 0.00
C LYS A 244 -22.67 36.48 0.59
N GLU A 245 -23.16 36.73 1.81
CA GLU A 245 -23.00 38.06 2.46
C GLU A 245 -21.52 38.35 2.80
N ARG A 246 -20.63 37.33 2.96
CA ARG A 246 -19.18 37.52 3.31
C ARG A 246 -18.38 38.13 2.15
N ILE A 247 -18.82 37.91 0.91
CA ILE A 247 -18.29 38.51 -0.35
C ILE A 247 -18.72 39.98 -0.42
N HIS A 248 -20.04 40.20 -0.50
CA HIS A 248 -20.69 41.46 -0.94
C HIS A 248 -20.63 42.55 0.15
N ASP A 249 -20.37 42.21 1.42
CA ASP A 249 -20.47 43.15 2.58
C ASP A 249 -19.11 43.39 3.26
N HIS A 250 -18.26 42.36 3.43
CA HIS A 250 -16.93 42.44 4.12
C HIS A 250 -15.75 42.34 3.11
N LYS A 251 -16.04 42.14 1.81
CA LYS A 251 -15.05 41.98 0.70
C LYS A 251 -13.91 41.01 1.05
N GLU A 252 -14.22 39.88 1.71
CA GLU A 252 -13.23 38.79 2.01
C GLU A 252 -12.90 38.01 0.72
N LYS A 253 -11.68 37.49 0.60
CA LYS A 253 -11.24 36.75 -0.62
C LYS A 253 -11.63 35.29 -0.51
N PRO A 254 -12.53 34.78 -1.38
CA PRO A 254 -12.90 33.36 -1.42
C PRO A 254 -11.90 32.48 -2.21
N GLY A 255 -11.38 31.41 -1.61
CA GLY A 255 -10.37 30.53 -2.26
C GLY A 255 -11.03 29.33 -2.94
N ALA A 256 -11.80 28.53 -2.19
CA ALA A 256 -12.26 27.20 -2.66
C ALA A 256 -13.68 26.88 -2.19
N LEU A 257 -14.41 26.15 -3.04
CA LEU A 257 -15.75 25.58 -2.77
C LEU A 257 -15.58 24.09 -2.47
N TRP A 258 -15.99 23.72 -1.26
CA TRP A 258 -15.95 22.34 -0.71
C TRP A 258 -17.35 21.76 -0.77
N HIS A 259 -17.45 20.46 -0.97
CA HIS A 259 -18.61 19.66 -0.53
C HIS A 259 -18.08 18.58 0.40
N ILE A 260 -18.68 18.48 1.56
CA ILE A 260 -18.37 17.44 2.54
C ILE A 260 -19.66 16.71 2.91
N TYR A 261 -19.58 15.40 3.16
CA TYR A 261 -20.71 14.50 3.49
C TYR A 261 -20.35 13.76 4.76
N ALA A 262 -21.37 13.40 5.56
CA ALA A 262 -21.22 12.60 6.80
C ALA A 262 -20.59 11.23 6.52
N ALA A 263 -19.63 10.81 7.35
CA ALA A 263 -19.04 9.46 7.27
C ALA A 263 -20.14 8.41 7.10
N LYS A 264 -21.31 8.58 7.75
CA LYS A 264 -22.38 7.55 7.74
C LYS A 264 -23.02 7.44 6.34
N ASP A 265 -22.77 8.37 5.44
CA ASP A 265 -23.42 8.43 4.10
C ASP A 265 -22.52 7.87 3.00
N ALA A 266 -21.33 7.38 3.30
CA ALA A 266 -20.29 6.98 2.30
C ALA A 266 -20.79 5.86 1.39
N GLU A 267 -21.46 4.85 1.96
CA GLU A 267 -21.94 3.68 1.21
C GLU A 267 -23.07 4.13 0.29
N LYS A 268 -24.00 5.02 0.73
CA LYS A 268 -24.99 5.56 -0.23
C LYS A 268 -24.29 6.29 -1.38
N ILE A 269 -23.21 7.02 -1.08
CA ILE A 269 -22.49 7.72 -2.17
C ILE A 269 -21.86 6.66 -3.08
N ARG A 270 -21.30 5.59 -2.54
CA ARG A 270 -20.75 4.52 -3.42
C ARG A 270 -21.86 3.92 -4.31
N GLU A 271 -23.04 3.63 -3.79
CA GLU A 271 -24.12 2.99 -4.59
C GLU A 271 -24.46 3.88 -5.78
N LEU A 272 -24.62 5.19 -5.57
CA LEU A 272 -24.94 6.16 -6.65
C LEU A 272 -23.85 6.06 -7.72
N LEU A 273 -22.60 6.11 -7.31
CA LEU A 273 -21.47 6.30 -8.27
C LEU A 273 -21.25 4.97 -9.00
N ARG A 274 -21.63 3.84 -8.40
CA ARG A 274 -21.66 2.54 -9.10
C ARG A 274 -22.77 2.56 -10.18
N LYS A 275 -23.95 3.07 -9.87
CA LYS A 275 -25.08 3.14 -10.81
C LYS A 275 -24.69 4.06 -11.98
N VAL A 276 -24.03 5.20 -11.69
CA VAL A 276 -23.70 6.19 -12.76
C VAL A 276 -22.56 5.63 -13.63
N GLY A 277 -21.58 4.95 -13.04
CA GLY A 277 -20.51 4.25 -13.77
C GLY A 277 -21.12 3.35 -14.84
N GLU A 278 -22.00 2.45 -14.42
CA GLU A 278 -22.72 1.51 -15.30
C GLU A 278 -23.40 2.33 -16.41
N GLU A 279 -24.21 3.32 -16.06
CA GLU A 279 -24.93 4.16 -17.06
C GLU A 279 -23.95 4.75 -18.10
N GLN A 280 -22.71 5.07 -17.72
CA GLN A 280 -21.71 5.66 -18.63
C GLN A 280 -20.85 4.55 -19.25
N GLY A 281 -21.26 3.29 -19.11
CA GLY A 281 -20.54 2.13 -19.67
C GLY A 281 -19.12 2.06 -19.17
N GLN A 282 -18.87 2.34 -17.88
CA GLN A 282 -17.71 1.78 -17.17
C GLN A 282 -18.01 0.29 -16.97
N GLU A 283 -17.01 -0.57 -16.89
CA GLU A 283 -17.24 -2.02 -16.60
C GLU A 283 -16.44 -2.33 -15.33
N ASN A 284 -17.15 -2.45 -14.19
CA ASN A 284 -16.57 -2.47 -12.83
C ASN A 284 -17.21 -3.60 -12.04
N PRO A 285 -16.46 -4.42 -11.25
CA PRO A 285 -17.08 -5.39 -10.32
C PRO A 285 -18.03 -4.76 -9.30
N PRO A 286 -19.07 -5.48 -8.81
CA PRO A 286 -20.07 -4.91 -7.89
C PRO A 286 -19.52 -4.39 -6.54
N ASP A 287 -18.27 -4.74 -6.22
CA ASP A 287 -17.58 -4.44 -4.94
C ASP A 287 -16.72 -3.17 -5.06
N HIS A 288 -16.24 -2.79 -6.25
CA HIS A 288 -15.17 -1.75 -6.38
C HIS A 288 -15.65 -0.43 -5.77
N ASP A 289 -14.68 0.34 -5.32
CA ASP A 289 -14.89 1.50 -4.41
C ASP A 289 -14.69 2.80 -5.19
N PRO A 290 -15.75 3.44 -5.74
CA PRO A 290 -15.62 4.65 -6.54
C PRO A 290 -15.16 5.85 -5.70
N ILE A 291 -15.35 5.81 -4.38
CA ILE A 291 -14.79 6.86 -3.49
C ILE A 291 -13.27 6.65 -3.43
N HIS A 292 -12.79 5.44 -3.13
CA HIS A 292 -11.32 5.20 -2.97
C HIS A 292 -10.58 5.51 -4.27
N ASP A 293 -11.18 5.24 -5.43
CA ASP A 293 -10.61 5.57 -6.77
C ASP A 293 -10.25 7.06 -6.94
N GLN A 294 -10.97 7.94 -6.25
CA GLN A 294 -10.70 9.39 -6.27
C GLN A 294 -10.84 9.88 -7.73
N SER A 295 -11.81 9.35 -8.44
CA SER A 295 -12.00 9.60 -9.89
C SER A 295 -13.26 10.43 -10.17
N TRP A 296 -14.07 10.77 -9.16
CA TRP A 296 -15.37 11.48 -9.31
C TRP A 296 -15.36 12.89 -8.71
N TYR A 297 -15.98 13.84 -9.41
CA TYR A 297 -16.36 15.16 -8.84
C TYR A 297 -17.86 15.25 -8.93
N LEU A 298 -18.55 15.45 -7.81
CA LEU A 298 -20.04 15.58 -7.84
C LEU A 298 -20.40 17.01 -8.29
N ASP A 299 -20.86 17.14 -9.53
CA ASP A 299 -21.35 18.41 -10.11
C ASP A 299 -22.80 18.64 -9.66
N GLN A 300 -23.41 19.77 -10.00
CA GLN A 300 -24.78 20.11 -9.54
C GLN A 300 -25.74 18.95 -9.85
N THR A 301 -25.58 18.29 -11.00
CA THR A 301 -26.48 17.19 -11.44
C THR A 301 -26.34 15.97 -10.50
N LEU A 302 -25.13 15.58 -10.22
CA LEU A 302 -24.89 14.44 -9.32
C LEU A 302 -25.30 14.81 -7.88
N ARG A 303 -25.12 16.05 -7.43
CA ARG A 303 -25.44 16.40 -6.03
C ARG A 303 -26.95 16.36 -5.85
N LYS A 304 -27.69 16.84 -6.86
CA LYS A 304 -29.17 16.84 -6.85
C LYS A 304 -29.67 15.36 -6.84
N ARG A 305 -29.09 14.52 -7.66
CA ARG A 305 -29.44 13.09 -7.75
C ARG A 305 -29.15 12.37 -6.41
N LEU A 306 -28.03 12.69 -5.75
CA LEU A 306 -27.66 12.10 -4.43
C LEU A 306 -28.74 12.42 -3.39
N TYR A 307 -29.16 13.69 -3.32
CA TYR A 307 -30.24 14.21 -2.45
C TYR A 307 -31.55 13.44 -2.74
N GLU A 308 -32.00 13.44 -4.00
CA GLU A 308 -33.37 13.06 -4.43
C GLU A 308 -33.54 11.53 -4.34
N GLU A 309 -32.60 10.76 -4.91
CA GLU A 309 -32.68 9.28 -5.10
C GLU A 309 -32.14 8.51 -3.87
N TYR A 310 -31.36 9.14 -2.96
CA TYR A 310 -30.63 8.44 -1.88
C TYR A 310 -30.79 9.11 -0.53
N GLY A 311 -31.46 10.26 -0.50
CA GLY A 311 -31.75 10.95 0.77
C GLY A 311 -30.53 11.60 1.42
N VAL A 312 -29.47 11.90 0.63
CA VAL A 312 -28.18 12.38 1.19
C VAL A 312 -27.95 13.86 0.92
N GLN A 313 -27.78 14.62 1.99
CA GLN A 313 -27.56 16.09 1.95
C GLN A 313 -26.11 16.34 2.37
N GLY A 314 -25.44 17.27 1.69
CA GLY A 314 -24.05 17.64 2.00
C GLY A 314 -23.98 18.97 2.71
N TRP A 315 -22.77 19.34 3.08
CA TRP A 315 -22.37 20.70 3.49
C TRP A 315 -21.56 21.33 2.33
N ALA A 316 -22.08 22.39 1.73
CA ALA A 316 -21.40 23.21 0.71
C ALA A 316 -20.72 24.37 1.44
N ILE A 317 -19.39 24.42 1.45
CA ILE A 317 -18.56 25.32 2.33
C ILE A 317 -17.65 26.19 1.45
N VAL A 318 -17.67 27.51 1.61
CA VAL A 318 -16.69 28.38 0.89
C VAL A 318 -15.61 28.76 1.90
N GLN A 319 -14.37 28.37 1.61
CA GLN A 319 -13.17 28.63 2.46
C GLN A 319 -12.54 29.91 1.94
N PHE A 320 -12.58 30.97 2.74
CA PHE A 320 -11.98 32.30 2.48
C PHE A 320 -10.56 32.30 3.02
N LEU A 321 -9.75 33.31 2.66
CA LEU A 321 -8.41 33.51 3.26
C LEU A 321 -8.52 33.37 4.77
N GLY A 322 -7.70 32.53 5.38
CA GLY A 322 -7.61 32.42 6.85
C GLY A 322 -8.66 31.52 7.48
N ASP A 323 -9.59 30.98 6.70
CA ASP A 323 -10.52 29.92 7.16
C ASP A 323 -9.79 28.58 7.39
N ALA A 324 -10.11 27.92 8.48
CA ALA A 324 -9.64 26.55 8.80
C ALA A 324 -10.84 25.60 8.68
N VAL A 325 -10.82 24.62 7.76
CA VAL A 325 -11.89 23.60 7.60
C VAL A 325 -11.50 22.33 8.35
N PHE A 326 -12.34 21.94 9.32
CA PHE A 326 -12.20 20.70 10.13
C PHE A 326 -12.97 19.57 9.44
N ILE A 327 -12.27 18.48 9.11
CA ILE A 327 -12.76 17.35 8.25
C ILE A 327 -12.90 16.09 9.09
N PRO A 328 -14.13 15.67 9.44
CA PRO A 328 -14.29 14.44 10.22
C PRO A 328 -13.73 13.21 9.50
N ALA A 329 -12.96 12.39 10.23
CA ALA A 329 -12.43 11.10 9.74
C ALA A 329 -13.57 10.32 9.07
N GLY A 330 -13.32 9.79 7.86
CA GLY A 330 -14.26 8.95 7.10
C GLY A 330 -15.27 9.73 6.28
N ALA A 331 -15.27 11.08 6.37
CA ALA A 331 -16.24 11.96 5.69
C ALA A 331 -15.76 12.28 4.28
N PRO A 332 -16.48 11.80 3.23
CA PRO A 332 -16.16 12.12 1.84
C PRO A 332 -16.13 13.63 1.57
N HIS A 333 -15.13 14.11 0.82
CA HIS A 333 -14.98 15.55 0.46
C HIS A 333 -14.30 15.74 -0.90
N GLN A 334 -14.71 16.81 -1.57
CA GLN A 334 -14.15 17.32 -2.85
C GLN A 334 -13.92 18.84 -2.69
N VAL A 335 -12.98 19.38 -3.46
CA VAL A 335 -12.61 20.81 -3.44
C VAL A 335 -12.54 21.32 -4.88
N HIS A 336 -13.08 22.51 -5.10
CA HIS A 336 -13.06 23.28 -6.38
C HIS A 336 -12.49 24.67 -6.11
N ASN A 337 -11.19 24.86 -6.35
CA ASN A 337 -10.50 26.17 -6.24
C ASN A 337 -11.19 27.15 -7.18
N LEU A 338 -11.71 28.27 -6.64
CA LEU A 338 -12.33 29.35 -7.43
C LEU A 338 -11.20 30.22 -7.98
N TYR A 339 -10.27 30.63 -7.13
CA TYR A 339 -9.01 31.32 -7.49
C TYR A 339 -7.83 30.41 -7.14
N SER A 340 -6.62 30.78 -7.55
CA SER A 340 -5.35 30.09 -7.19
C SER A 340 -5.23 30.10 -5.66
N CYS A 341 -4.96 28.95 -5.03
CA CYS A 341 -4.94 28.80 -3.55
C CYS A 341 -3.64 28.16 -3.05
N ILE A 342 -3.18 28.62 -1.88
CA ILE A 342 -2.17 27.95 -1.02
C ILE A 342 -2.88 27.57 0.29
N LYS A 343 -2.97 26.27 0.58
CA LYS A 343 -3.51 25.75 1.87
C LYS A 343 -2.56 24.69 2.44
N VAL A 344 -2.58 24.56 3.77
CA VAL A 344 -1.77 23.59 4.57
C VAL A 344 -2.70 22.90 5.57
N ALA A 345 -2.57 21.58 5.70
CA ALA A 345 -3.46 20.72 6.46
C ALA A 345 -2.62 19.87 7.40
N GLU A 346 -3.09 19.67 8.63
CA GLU A 346 -2.46 18.76 9.62
C GLU A 346 -3.48 17.67 9.95
N ASP A 347 -3.08 16.41 9.83
CA ASP A 347 -3.85 15.26 10.30
C ASP A 347 -3.77 15.14 11.83
N PHE A 348 -4.84 14.65 12.45
CA PHE A 348 -4.87 14.27 13.89
C PHE A 348 -5.88 13.13 14.09
N VAL A 349 -5.91 12.53 15.30
CA VAL A 349 -6.84 11.41 15.61
C VAL A 349 -7.65 11.79 16.86
N SER A 350 -8.87 12.25 16.67
CA SER A 350 -9.70 12.65 17.83
C SER A 350 -10.31 11.40 18.47
N PRO A 351 -10.59 11.41 19.78
CA PRO A 351 -11.26 10.27 20.40
C PRO A 351 -12.63 10.03 19.78
N GLU A 352 -13.30 11.12 19.39
CA GLU A 352 -14.69 11.12 18.86
C GLU A 352 -14.77 10.22 17.62
N HIS A 353 -13.70 10.10 16.81
CA HIS A 353 -13.77 9.49 15.45
C HIS A 353 -12.77 8.33 15.26
N VAL A 354 -12.12 7.86 16.34
CA VAL A 354 -11.01 6.87 16.29
C VAL A 354 -11.45 5.53 15.67
N LYS A 355 -12.73 5.17 15.74
CA LYS A 355 -13.30 3.99 15.01
C LYS A 355 -12.84 3.99 13.56
N HIS A 356 -12.62 5.14 12.91
CA HIS A 356 -12.50 5.19 11.43
C HIS A 356 -11.12 4.70 10.99
N CYS A 357 -10.16 4.62 11.92
CA CYS A 357 -8.78 4.16 11.60
C CYS A 357 -8.50 2.78 12.21
N PHE A 358 -9.48 2.15 12.90
CA PHE A 358 -9.32 0.79 13.48
C PHE A 358 -9.27 -0.26 12.35
N ARG A 359 -8.39 -1.26 12.48
CA ARG A 359 -8.13 -2.27 11.41
C ARG A 359 -8.98 -3.55 11.55
N LEU A 360 -9.80 -3.69 12.62
CA LEU A 360 -10.69 -4.89 12.77
C LEU A 360 -12.19 -4.54 12.74
N THR A 361 -13.05 -5.56 12.87
CA THR A 361 -14.55 -5.62 12.83
C THR A 361 -15.12 -4.61 11.81
N MET B 23 13.19 -49.15 -10.43
CA MET B 23 11.83 -49.44 -9.88
C MET B 23 11.46 -48.37 -8.84
N THR B 24 12.32 -47.38 -8.57
CA THR B 24 11.92 -46.19 -7.77
C THR B 24 10.70 -45.52 -8.43
N SER B 25 9.65 -45.30 -7.63
CA SER B 25 8.44 -44.55 -8.09
C SER B 25 8.80 -43.08 -8.37
N HIS B 26 8.74 -42.69 -9.63
CA HIS B 26 8.97 -41.31 -10.11
C HIS B 26 8.14 -41.04 -11.35
N SER B 27 8.06 -39.75 -11.70
CA SER B 27 7.53 -39.17 -12.96
C SER B 27 8.29 -37.86 -13.20
N TRP B 28 8.01 -37.19 -14.31
CA TRP B 28 8.67 -35.93 -14.72
C TRP B 28 7.60 -34.87 -14.93
N LEU B 29 7.90 -33.61 -14.58
CA LEU B 29 7.11 -32.40 -14.89
C LEU B 29 8.02 -31.44 -15.65
N CYS B 30 7.53 -30.23 -15.95
CA CYS B 30 8.22 -29.19 -16.77
C CYS B 30 8.85 -29.81 -18.01
N ASP B 31 8.02 -30.55 -18.79
CA ASP B 31 8.40 -31.14 -20.09
C ASP B 31 9.66 -32.01 -19.94
N GLY B 32 9.69 -32.92 -18.95
CA GLY B 32 10.81 -33.86 -18.72
C GLY B 32 11.98 -33.29 -17.95
N ARG B 33 11.96 -32.01 -17.54
CA ARG B 33 13.11 -31.34 -16.86
C ARG B 33 12.98 -31.32 -15.32
N LEU B 34 11.91 -31.87 -14.73
CA LEU B 34 11.76 -31.84 -13.24
C LEU B 34 11.44 -33.26 -12.73
N LEU B 35 12.38 -33.85 -12.01
CA LEU B 35 12.19 -35.16 -11.35
C LEU B 35 11.16 -34.98 -10.22
N CYS B 36 10.14 -35.84 -10.20
CA CYS B 36 9.17 -36.03 -9.10
C CYS B 36 9.30 -37.44 -8.52
N LEU B 37 9.71 -37.58 -7.25
CA LEU B 37 9.75 -38.88 -6.53
C LEU B 37 8.50 -38.99 -5.63
N HIS B 38 7.85 -40.14 -5.62
CA HIS B 38 6.49 -40.29 -5.05
C HIS B 38 6.51 -41.14 -3.76
N ASP B 39 7.60 -41.80 -3.41
CA ASP B 39 7.67 -42.45 -2.07
C ASP B 39 8.78 -41.79 -1.25
N PRO B 40 8.39 -40.96 -0.25
CA PRO B 40 9.35 -40.14 0.48
C PRO B 40 10.34 -40.93 1.34
N SER B 41 10.01 -42.18 1.71
CA SER B 41 10.89 -43.06 2.53
C SER B 41 11.58 -44.17 1.71
N ASN B 42 11.48 -44.20 0.38
CA ASN B 42 12.20 -45.21 -0.43
C ASN B 42 13.70 -44.90 -0.40
N LYS B 43 14.53 -45.82 0.10
CA LYS B 43 15.98 -45.64 0.41
C LYS B 43 16.82 -45.55 -0.88
N ASN B 44 16.23 -45.86 -2.04
CA ASN B 44 16.89 -45.68 -3.37
C ASN B 44 16.62 -44.30 -4.03
N ASN B 45 15.87 -43.38 -3.38
CA ASN B 45 15.50 -42.07 -3.99
C ASN B 45 16.74 -41.40 -4.55
N TRP B 46 17.90 -41.54 -3.88
CA TRP B 46 19.15 -40.85 -4.20
C TRP B 46 19.62 -41.18 -5.65
N LYS B 47 19.32 -42.35 -6.17
CA LYS B 47 19.90 -42.88 -7.45
C LYS B 47 19.58 -41.95 -8.63
N ILE B 48 18.33 -41.61 -8.81
CA ILE B 48 17.87 -40.70 -9.91
C ILE B 48 18.06 -39.24 -9.47
N PHE B 49 17.95 -38.95 -8.17
CA PHE B 49 18.17 -37.61 -7.57
C PHE B 49 19.53 -37.06 -8.02
N ARG B 50 20.60 -37.85 -7.87
CA ARG B 50 22.02 -37.39 -7.97
C ARG B 50 22.28 -36.63 -9.28
N GLU B 51 21.93 -37.20 -10.44
CA GLU B 51 22.20 -36.54 -11.73
C GLU B 51 21.35 -35.27 -11.91
N CYS B 52 20.09 -35.28 -11.50
CA CYS B 52 19.28 -34.05 -11.61
C CYS B 52 19.98 -32.94 -10.81
N TRP B 53 20.39 -33.25 -9.59
CA TRP B 53 20.98 -32.31 -8.62
C TRP B 53 22.34 -31.85 -9.14
N LYS B 54 23.12 -32.75 -9.77
CA LYS B 54 24.44 -32.41 -10.34
C LYS B 54 24.26 -31.38 -11.45
N GLN B 55 23.24 -31.56 -12.29
CA GLN B 55 22.87 -30.64 -13.39
C GLN B 55 22.27 -29.31 -12.86
N GLY B 56 22.01 -29.14 -11.56
CA GLY B 56 21.61 -27.88 -10.92
C GLY B 56 20.09 -27.68 -10.97
N GLN B 57 19.34 -28.76 -11.08
CA GLN B 57 17.88 -28.74 -11.24
C GLN B 57 17.28 -28.89 -9.85
N PRO B 58 16.14 -28.24 -9.61
CA PRO B 58 15.34 -28.57 -8.45
C PRO B 58 14.75 -29.96 -8.67
N VAL B 59 14.32 -30.57 -7.59
CA VAL B 59 13.59 -31.86 -7.51
C VAL B 59 12.41 -31.65 -6.54
N LEU B 60 11.31 -32.33 -6.84
CA LEU B 60 10.10 -32.44 -6.00
C LEU B 60 9.95 -33.89 -5.47
N VAL B 61 9.56 -34.04 -4.20
CA VAL B 61 9.22 -35.32 -3.55
C VAL B 61 7.83 -35.12 -2.94
N SER B 62 6.89 -36.00 -3.24
CA SER B 62 5.49 -35.88 -2.79
C SER B 62 5.22 -36.85 -1.65
N GLY B 63 4.15 -36.63 -0.88
CA GLY B 63 3.66 -37.60 0.11
C GLY B 63 4.21 -37.37 1.51
N VAL B 64 4.91 -36.25 1.78
CA VAL B 64 5.53 -36.06 3.13
C VAL B 64 4.45 -35.82 4.20
N HIS B 65 3.36 -35.12 3.90
CA HIS B 65 2.22 -34.87 4.83
C HIS B 65 1.75 -36.19 5.45
N LYS B 66 1.74 -37.26 4.67
CA LYS B 66 1.25 -38.59 5.10
C LYS B 66 2.16 -39.16 6.20
N LYS B 67 3.38 -38.67 6.32
CA LYS B 67 4.36 -39.19 7.31
C LYS B 67 4.33 -38.39 8.62
N LEU B 68 3.70 -37.21 8.66
CA LEU B 68 3.78 -36.29 9.84
C LEU B 68 2.56 -36.51 10.76
N LYS B 69 2.64 -36.01 12.00
CA LYS B 69 1.47 -35.88 12.92
C LYS B 69 0.65 -34.64 12.51
N SER B 70 -0.39 -34.84 11.73
CA SER B 70 -1.10 -33.75 11.00
C SER B 70 -1.77 -32.74 11.97
N GLU B 71 -2.19 -33.19 13.15
CA GLU B 71 -2.75 -32.32 14.21
C GLU B 71 -1.66 -31.34 14.70
N LEU B 72 -0.35 -31.56 14.48
CA LEU B 72 0.72 -30.60 14.91
C LEU B 72 0.79 -29.39 13.97
N TRP B 73 0.24 -29.49 12.75
CA TRP B 73 0.47 -28.57 11.60
C TRP B 73 -0.84 -27.93 11.13
N LYS B 74 -1.57 -27.33 12.06
CA LYS B 74 -2.90 -26.73 11.84
C LYS B 74 -2.88 -25.31 12.38
N PRO B 75 -3.44 -24.33 11.67
CA PRO B 75 -3.51 -22.95 12.17
C PRO B 75 -4.07 -22.86 13.60
N GLU B 76 -5.13 -23.63 13.92
CA GLU B 76 -5.85 -23.52 15.22
C GLU B 76 -4.89 -23.91 16.34
N ALA B 77 -4.02 -24.87 16.11
CA ALA B 77 -3.09 -25.39 17.14
C ALA B 77 -1.99 -24.35 17.41
N PHE B 78 -1.46 -23.70 16.36
CA PHE B 78 -0.47 -22.61 16.54
C PHE B 78 -1.16 -21.46 17.30
N SER B 79 -2.38 -21.09 16.93
CA SER B 79 -3.13 -20.03 17.67
C SER B 79 -3.27 -20.39 19.16
N GLN B 80 -3.84 -21.56 19.47
CA GLN B 80 -4.08 -21.95 20.89
C GLN B 80 -2.76 -22.01 21.66
N GLU B 81 -1.68 -22.45 21.03
CA GLU B 81 -0.43 -22.73 21.77
C GLU B 81 0.38 -21.47 21.91
N PHE B 82 0.49 -20.63 20.86
CA PHE B 82 1.43 -19.49 20.84
C PHE B 82 0.72 -18.13 20.63
N GLY B 83 -0.60 -18.07 20.72
CA GLY B 83 -1.42 -16.93 20.27
C GLY B 83 -1.19 -15.62 21.04
N ASP B 84 -0.65 -15.67 22.25
CA ASP B 84 -0.55 -14.45 23.10
C ASP B 84 0.86 -13.90 22.99
N GLN B 85 1.68 -14.44 22.09
CA GLN B 85 2.98 -13.84 21.71
C GLN B 85 2.79 -12.60 20.83
N ASP B 86 3.69 -11.64 20.97
CA ASP B 86 3.80 -10.42 20.14
C ASP B 86 4.71 -10.68 18.95
N VAL B 87 4.38 -10.07 17.81
CA VAL B 87 5.00 -10.42 16.50
C VAL B 87 4.80 -9.26 15.50
N ASP B 88 5.71 -9.14 14.53
CA ASP B 88 5.52 -8.21 13.40
C ASP B 88 4.91 -9.02 12.23
N LEU B 89 4.01 -8.35 11.47
CA LEU B 89 3.46 -8.83 10.20
C LEU B 89 3.98 -7.95 9.06
N VAL B 90 4.08 -8.53 7.86
CA VAL B 90 4.38 -7.84 6.58
C VAL B 90 3.13 -7.92 5.71
N ASN B 91 2.71 -6.78 5.18
CA ASN B 91 1.65 -6.66 4.15
C ASN B 91 2.30 -7.00 2.81
N CYS B 92 1.82 -8.03 2.10
CA CYS B 92 2.49 -8.59 0.90
C CYS B 92 2.29 -7.65 -0.31
N ARG B 93 1.18 -6.89 -0.35
CA ARG B 93 0.91 -5.93 -1.46
C ARG B 93 1.91 -4.75 -1.48
N ASN B 94 2.35 -4.24 -0.33
CA ASN B 94 3.16 -2.99 -0.31
C ASN B 94 4.45 -3.14 0.51
N CYS B 95 4.69 -4.29 1.13
CA CYS B 95 5.93 -4.54 1.93
C CYS B 95 5.96 -3.76 3.26
N ALA B 96 4.89 -3.08 3.66
CA ALA B 96 4.78 -2.43 4.99
C ALA B 96 4.90 -3.46 6.13
N ILE B 97 5.59 -3.08 7.21
CA ILE B 97 5.55 -3.85 8.48
C ILE B 97 4.35 -3.36 9.33
N ILE B 98 3.51 -4.28 9.81
CA ILE B 98 2.56 -4.06 10.94
C ILE B 98 3.21 -4.58 12.24
N SER B 99 3.65 -3.70 13.13
CA SER B 99 4.52 -4.08 14.28
C SER B 99 3.71 -4.36 15.55
N ASP B 100 4.16 -5.37 16.27
CA ASP B 100 3.78 -5.60 17.67
C ASP B 100 2.28 -5.87 17.74
N VAL B 101 1.75 -6.74 16.90
CA VAL B 101 0.40 -7.33 17.09
C VAL B 101 0.52 -8.72 17.73
N LYS B 102 -0.58 -9.45 17.85
CA LYS B 102 -0.66 -10.78 18.52
C LYS B 102 -0.65 -11.89 17.46
N VAL B 103 0.14 -12.93 17.71
CA VAL B 103 0.24 -14.13 16.83
C VAL B 103 -1.18 -14.61 16.50
N ARG B 104 -2.10 -14.60 17.48
CA ARG B 104 -3.50 -15.06 17.26
C ARG B 104 -4.22 -14.18 16.21
N ASP B 105 -3.81 -12.93 16.02
CA ASP B 105 -4.42 -12.02 15.02
C ASP B 105 -4.03 -12.42 13.61
N PHE B 106 -2.84 -13.00 13.43
CA PHE B 106 -2.47 -13.65 12.16
C PHE B 106 -3.34 -14.90 11.93
N TRP B 107 -3.24 -15.86 12.86
CA TRP B 107 -3.80 -17.22 12.67
C TRP B 107 -5.32 -17.20 12.57
N ASP B 108 -6.01 -16.28 13.25
CA ASP B 108 -7.49 -16.31 13.29
C ASP B 108 -8.07 -15.88 11.94
N GLY B 109 -7.31 -15.12 11.13
CA GLY B 109 -7.69 -14.72 9.76
C GLY B 109 -7.12 -15.64 8.68
N PHE B 110 -6.39 -16.70 9.06
CA PHE B 110 -5.70 -17.57 8.07
C PHE B 110 -6.67 -18.07 6.98
N GLU B 111 -7.87 -18.50 7.38
CA GLU B 111 -8.91 -19.07 6.48
C GLU B 111 -10.21 -18.26 6.44
N ILE B 112 -10.49 -17.42 7.42
CA ILE B 112 -11.71 -16.54 7.54
C ILE B 112 -11.32 -15.11 7.17
N ILE B 113 -11.68 -14.64 6.00
CA ILE B 113 -11.17 -13.36 5.42
C ILE B 113 -11.69 -12.14 6.20
N CYS B 114 -12.97 -12.16 6.59
CA CYS B 114 -13.61 -11.09 7.37
C CYS B 114 -12.90 -10.95 8.74
N LYS B 115 -12.17 -11.96 9.25
CA LYS B 115 -11.44 -11.84 10.56
C LYS B 115 -10.04 -11.22 10.35
N ARG B 116 -9.68 -10.80 9.14
CA ARG B 116 -8.32 -10.29 8.87
C ARG B 116 -8.20 -8.78 9.20
N LEU B 117 -7.02 -8.35 9.66
CA LEU B 117 -6.59 -6.94 9.74
C LEU B 117 -6.76 -6.23 8.39
N ARG B 118 -7.26 -4.99 8.39
CA ARG B 118 -7.57 -4.24 7.16
C ARG B 118 -6.53 -3.15 6.93
N SER B 119 -6.31 -2.78 5.67
CA SER B 119 -5.49 -1.61 5.29
C SER B 119 -6.37 -0.36 5.32
N GLU B 120 -5.71 0.79 5.20
CA GLU B 120 -6.25 2.18 5.10
C GLU B 120 -7.52 2.20 4.24
N ASP B 121 -7.52 1.42 3.16
CA ASP B 121 -8.59 1.42 2.11
C ASP B 121 -9.77 0.55 2.54
N GLY B 122 -9.77 -0.03 3.74
CA GLY B 122 -10.86 -0.93 4.21
C GLY B 122 -10.79 -2.38 3.70
N GLN B 123 -9.80 -2.75 2.89
CA GLN B 123 -9.69 -4.14 2.38
C GLN B 123 -8.98 -5.05 3.39
N PRO B 124 -9.35 -6.34 3.45
CA PRO B 124 -8.60 -7.36 4.19
C PRO B 124 -7.18 -7.50 3.63
N MET B 125 -6.17 -7.47 4.51
CA MET B 125 -4.75 -7.51 4.06
C MET B 125 -4.36 -8.97 3.75
N VAL B 126 -3.44 -9.09 2.81
CA VAL B 126 -2.68 -10.35 2.56
C VAL B 126 -1.40 -10.22 3.35
N LEU B 127 -1.30 -10.96 4.45
CA LEU B 127 -0.20 -10.82 5.43
C LEU B 127 0.70 -12.07 5.44
N LYS B 128 1.92 -11.88 5.89
CA LYS B 128 2.82 -12.99 6.28
C LYS B 128 3.44 -12.68 7.64
N LEU B 129 3.56 -13.74 8.42
CA LEU B 129 4.20 -13.72 9.75
C LEU B 129 5.69 -13.60 9.52
N LYS B 130 6.33 -12.61 10.11
CA LYS B 130 7.77 -12.35 9.97
C LYS B 130 8.53 -12.92 11.16
N ASP B 131 9.69 -13.52 10.89
CA ASP B 131 10.73 -13.98 11.85
C ASP B 131 10.07 -14.76 13.01
N TRP B 132 9.35 -15.81 12.69
CA TRP B 132 8.64 -16.58 13.74
C TRP B 132 8.66 -18.07 13.44
N PRO B 133 9.05 -18.91 14.43
CA PRO B 133 9.57 -18.45 15.70
C PRO B 133 10.82 -17.58 15.54
N PRO B 134 11.12 -16.68 16.51
CA PRO B 134 12.23 -15.73 16.41
C PRO B 134 13.61 -16.39 16.27
N GLY B 135 14.30 -16.05 15.18
CA GLY B 135 15.67 -16.51 14.86
C GLY B 135 15.76 -18.01 14.91
N GLU B 136 16.51 -18.54 15.88
CA GLU B 136 16.83 -19.98 16.00
C GLU B 136 16.04 -20.57 17.17
N ASP B 137 14.86 -20.01 17.44
CA ASP B 137 13.99 -20.44 18.58
C ASP B 137 13.13 -21.65 18.22
N PHE B 138 13.20 -22.18 16.99
CA PHE B 138 12.24 -23.21 16.52
C PHE B 138 12.35 -24.46 17.39
N ARG B 139 13.55 -25.04 17.51
CA ARG B 139 13.77 -26.27 18.31
C ARG B 139 13.31 -26.08 19.78
N ASP B 140 13.67 -24.97 20.42
CA ASP B 140 13.34 -24.65 21.84
C ASP B 140 11.84 -24.37 22.00
N MET B 141 11.25 -23.59 21.07
CA MET B 141 9.82 -23.20 21.20
C MET B 141 8.92 -24.36 20.82
N MET B 142 9.32 -25.19 19.85
CA MET B 142 8.44 -26.22 19.24
C MET B 142 9.16 -27.58 19.12
N PRO B 143 9.55 -28.22 20.25
CA PRO B 143 10.46 -29.37 20.21
C PRO B 143 9.83 -30.63 19.58
N THR B 144 8.53 -30.87 19.75
CA THR B 144 7.82 -32.02 19.12
C THR B 144 7.62 -31.80 17.61
N ARG B 145 7.33 -30.57 17.15
CA ARG B 145 7.32 -30.24 15.69
C ARG B 145 8.69 -30.43 15.04
N PHE B 146 9.77 -29.96 15.67
CA PHE B 146 11.15 -30.19 15.20
C PHE B 146 11.36 -31.69 14.94
N GLU B 147 10.97 -32.54 15.89
CA GLU B 147 11.23 -34.01 15.82
C GLU B 147 10.36 -34.64 14.71
N ASP B 148 9.10 -34.26 14.63
CA ASP B 148 8.16 -34.77 13.58
C ASP B 148 8.75 -34.42 12.20
N LEU B 149 9.29 -33.20 12.04
CA LEU B 149 9.83 -32.76 10.72
C LEU B 149 11.09 -33.57 10.38
N MET B 150 12.10 -33.54 11.26
CA MET B 150 13.45 -34.06 10.93
C MET B 150 13.39 -35.57 10.66
N GLU B 151 12.57 -36.29 11.42
CA GLU B 151 12.41 -37.76 11.34
C GLU B 151 11.74 -38.13 10.00
N ASN B 152 11.08 -37.21 9.31
CA ASN B 152 10.24 -37.54 8.12
C ASN B 152 10.71 -36.75 6.89
N LEU B 153 11.82 -36.01 6.98
CA LEU B 153 12.44 -35.34 5.80
C LEU B 153 12.87 -36.37 4.75
N PRO B 154 12.53 -36.17 3.46
CA PRO B 154 13.06 -37.03 2.41
C PRO B 154 14.54 -36.75 2.10
N LEU B 155 15.19 -37.70 1.45
CA LEU B 155 16.66 -37.71 1.19
C LEU B 155 17.43 -37.34 2.47
N PRO B 156 17.20 -38.11 3.54
CA PRO B 156 17.77 -37.83 4.86
C PRO B 156 19.31 -37.83 4.96
N GLU B 157 19.98 -38.63 4.14
CA GLU B 157 21.46 -38.66 3.99
C GLU B 157 21.94 -37.27 3.54
N TYR B 158 21.07 -36.49 2.89
CA TYR B 158 21.39 -35.10 2.44
C TYR B 158 20.90 -34.06 3.45
N THR B 159 19.73 -34.29 4.03
CA THR B 159 18.91 -33.22 4.69
C THR B 159 18.98 -33.25 6.22
N LYS B 160 19.24 -34.39 6.86
CA LYS B 160 19.39 -34.42 8.35
C LYS B 160 20.79 -33.91 8.73
N ARG B 161 20.93 -33.34 9.94
N ARG B 161 20.91 -33.36 9.95
CA ARG B 161 22.22 -32.76 10.41
CA ARG B 161 22.17 -32.78 10.50
C ARG B 161 23.31 -33.84 10.37
C ARG B 161 23.30 -33.82 10.44
N ASP B 162 23.01 -35.08 10.77
CA ASP B 162 24.03 -36.15 10.85
C ASP B 162 23.96 -37.06 9.62
N GLY B 163 23.31 -36.62 8.55
CA GLY B 163 23.30 -37.31 7.25
C GLY B 163 24.70 -37.51 6.68
N ARG B 164 24.91 -38.67 6.07
CA ARG B 164 26.19 -39.11 5.50
C ARG B 164 26.70 -38.04 4.52
N LEU B 165 25.81 -37.46 3.69
CA LEU B 165 26.19 -36.51 2.61
C LEU B 165 25.86 -35.06 2.97
N ASN B 166 25.38 -34.75 4.19
CA ASN B 166 25.21 -33.33 4.61
C ASN B 166 26.56 -32.87 5.21
N LEU B 167 27.14 -31.79 4.68
CA LEU B 167 28.47 -31.26 5.06
C LEU B 167 28.36 -30.05 6.02
N ALA B 168 27.14 -29.59 6.33
CA ALA B 168 26.87 -28.35 7.09
C ALA B 168 27.60 -28.39 8.45
N SER B 169 27.53 -29.49 9.17
CA SER B 169 28.15 -29.53 10.53
C SER B 169 29.68 -29.72 10.45
N ARG B 170 30.25 -30.09 9.31
CA ARG B 170 31.69 -30.43 9.21
C ARG B 170 32.50 -29.25 8.66
N LEU B 171 31.91 -28.37 7.85
CA LEU B 171 32.64 -27.33 7.07
C LEU B 171 32.86 -26.04 7.86
N PRO B 172 34.00 -25.36 7.61
CA PRO B 172 34.24 -24.04 8.17
C PRO B 172 33.21 -22.98 7.75
N SER B 173 33.27 -21.83 8.41
CA SER B 173 32.28 -20.74 8.27
C SER B 173 32.41 -20.06 6.92
N TYR B 174 33.50 -20.30 6.17
CA TYR B 174 33.65 -19.74 4.80
C TYR B 174 32.82 -20.52 3.77
N PHE B 175 32.12 -21.60 4.15
CA PHE B 175 31.21 -22.37 3.27
C PHE B 175 29.76 -22.25 3.74
N VAL B 176 29.51 -22.08 5.04
CA VAL B 176 28.17 -22.33 5.68
C VAL B 176 28.11 -21.67 7.06
N ARG B 177 26.99 -20.99 7.35
CA ARG B 177 26.66 -20.40 8.68
C ARG B 177 26.59 -21.55 9.70
N PRO B 178 27.05 -21.36 10.94
CA PRO B 178 26.97 -22.44 11.94
C PRO B 178 25.57 -22.75 12.49
N ASP B 179 25.36 -23.99 12.93
CA ASP B 179 24.10 -24.51 13.53
C ASP B 179 22.88 -24.10 12.68
N LEU B 180 22.70 -24.72 11.51
CA LEU B 180 21.46 -24.60 10.70
C LEU B 180 20.34 -25.29 11.48
N GLY B 181 19.18 -24.63 11.55
CA GLY B 181 17.92 -25.19 12.05
C GLY B 181 16.79 -24.79 11.11
N PRO B 182 15.62 -25.42 11.24
CA PRO B 182 14.53 -25.14 10.33
C PRO B 182 13.85 -23.78 10.55
N LYS B 183 13.25 -23.27 9.47
CA LYS B 183 12.52 -21.99 9.33
C LYS B 183 11.10 -22.31 8.89
N MET B 184 10.13 -21.55 9.38
CA MET B 184 8.71 -21.65 8.93
C MET B 184 8.44 -20.52 7.96
N TYR B 185 7.56 -20.73 6.98
CA TYR B 185 7.04 -19.68 6.07
C TYR B 185 5.52 -19.75 6.14
N ASN B 186 4.93 -18.74 6.76
CA ASN B 186 3.50 -18.63 7.13
C ASN B 186 2.92 -17.39 6.49
N ALA B 187 2.01 -17.53 5.53
CA ALA B 187 1.51 -16.36 4.80
C ALA B 187 0.15 -16.67 4.18
N TYR B 188 -0.70 -15.65 4.10
CA TYR B 188 -2.04 -15.73 3.45
C TYR B 188 -1.85 -15.92 1.94
N GLY B 189 -2.89 -16.45 1.30
CA GLY B 189 -2.97 -16.48 -0.17
C GLY B 189 -3.23 -15.11 -0.76
N LEU B 190 -2.62 -14.83 -1.90
CA LEU B 190 -2.98 -13.67 -2.75
C LEU B 190 -4.35 -13.92 -3.40
N ILE B 191 -5.19 -12.88 -3.60
CA ILE B 191 -6.67 -13.04 -3.89
C ILE B 191 -7.06 -12.50 -5.28
N THR B 192 -6.67 -11.26 -5.59
CA THR B 192 -7.20 -10.47 -6.73
C THR B 192 -6.38 -10.68 -8.00
N ALA B 193 -6.95 -10.25 -9.12
CA ALA B 193 -6.26 -10.18 -10.42
C ALA B 193 -5.02 -9.29 -10.28
N GLU B 194 -5.11 -8.19 -9.52
CA GLU B 194 -3.94 -7.29 -9.33
C GLU B 194 -2.84 -8.04 -8.54
N ASP B 195 -3.25 -8.93 -7.62
CA ASP B 195 -2.36 -9.75 -6.77
C ASP B 195 -1.54 -10.71 -7.65
N ARG B 196 -2.03 -11.13 -8.83
CA ARG B 196 -1.32 -12.10 -9.69
C ARG B 196 0.14 -11.69 -9.91
N ARG B 197 0.44 -10.40 -9.95
CA ARG B 197 1.78 -9.84 -10.23
C ARG B 197 2.55 -9.61 -8.92
N VAL B 198 1.98 -9.98 -7.78
CA VAL B 198 2.61 -9.75 -6.44
C VAL B 198 3.23 -11.10 -5.99
N GLY B 199 4.41 -11.00 -5.36
CA GLY B 199 5.07 -12.13 -4.67
C GLY B 199 4.59 -12.29 -3.23
N THR B 200 4.39 -13.54 -2.76
CA THR B 200 4.48 -13.89 -1.31
C THR B 200 5.95 -13.67 -0.87
N THR B 201 6.92 -14.28 -1.54
CA THR B 201 8.36 -14.00 -1.31
C THR B 201 8.94 -13.55 -2.65
N ASN B 202 9.63 -12.41 -2.67
CA ASN B 202 10.13 -11.86 -3.96
C ASN B 202 11.34 -12.65 -4.39
N LEU B 203 11.71 -12.49 -5.66
CA LEU B 203 12.88 -13.16 -6.26
C LEU B 203 14.12 -12.96 -5.37
N HIS B 204 14.77 -14.06 -5.01
CA HIS B 204 16.03 -14.03 -4.22
C HIS B 204 16.84 -15.30 -4.48
N LEU B 205 18.04 -15.38 -3.88
CA LEU B 205 18.79 -16.64 -3.78
C LEU B 205 19.29 -16.83 -2.34
N ASP B 206 19.71 -18.05 -2.03
CA ASP B 206 20.18 -18.50 -0.70
C ASP B 206 21.59 -19.05 -0.89
N VAL B 207 22.45 -18.99 0.13
CA VAL B 207 23.89 -19.36 0.02
C VAL B 207 24.09 -20.87 0.28
N SER B 208 23.09 -21.57 0.85
CA SER B 208 23.14 -23.03 1.09
C SER B 208 22.06 -23.72 0.24
N ASP B 209 22.14 -25.06 0.11
CA ASP B 209 21.02 -25.91 -0.38
C ASP B 209 19.87 -25.79 0.63
N ALA B 210 18.63 -26.08 0.22
CA ALA B 210 17.47 -26.23 1.11
C ALA B 210 16.42 -27.18 0.52
N VAL B 211 15.55 -27.62 1.41
CA VAL B 211 14.31 -28.35 1.11
C VAL B 211 13.17 -27.61 1.81
N ASN B 212 12.08 -27.33 1.09
CA ASN B 212 10.89 -26.59 1.58
C ASN B 212 9.68 -27.52 1.51
N VAL B 213 9.06 -27.80 2.65
CA VAL B 213 7.93 -28.77 2.75
C VAL B 213 6.61 -28.03 2.99
N MET B 214 5.60 -28.29 2.15
CA MET B 214 4.23 -27.74 2.34
C MET B 214 3.52 -28.61 3.37
N VAL B 215 3.28 -28.10 4.59
CA VAL B 215 2.68 -28.96 5.67
C VAL B 215 1.19 -28.64 5.89
N TYR B 216 0.66 -27.56 5.36
CA TYR B 216 -0.80 -27.24 5.48
C TYR B 216 -1.22 -26.21 4.44
N VAL B 217 -2.35 -26.46 3.81
CA VAL B 217 -2.95 -25.55 2.80
C VAL B 217 -4.38 -25.21 3.26
N GLY B 218 -4.63 -23.90 3.47
CA GLY B 218 -5.86 -23.30 4.03
C GLY B 218 -6.71 -22.70 2.94
N ILE B 219 -7.84 -23.34 2.68
CA ILE B 219 -8.77 -22.90 1.61
C ILE B 219 -10.00 -22.26 2.27
N PRO B 220 -10.21 -20.93 2.11
CA PRO B 220 -11.44 -20.25 2.59
C PRO B 220 -12.73 -20.67 1.83
N ILE B 221 -13.92 -20.63 2.48
CA ILE B 221 -15.28 -20.68 1.83
C ILE B 221 -16.17 -19.51 2.32
N ALA B 225 -15.97 -20.94 -3.27
CA ALA B 225 -14.79 -21.44 -4.02
C ALA B 225 -14.32 -20.38 -5.02
N HIS B 226 -13.39 -19.50 -4.59
CA HIS B 226 -12.71 -18.48 -5.44
C HIS B 226 -11.48 -19.12 -6.08
N ASP B 227 -11.58 -20.44 -6.31
CA ASP B 227 -10.82 -21.26 -7.29
C ASP B 227 -10.73 -20.55 -8.66
N GLU B 228 -11.48 -19.46 -8.85
CA GLU B 228 -11.62 -18.75 -10.15
C GLU B 228 -10.27 -18.15 -10.58
N GLU B 229 -9.84 -17.12 -9.85
CA GLU B 229 -8.57 -16.40 -10.06
C GLU B 229 -7.41 -17.40 -10.00
N VAL B 230 -7.56 -18.47 -9.22
CA VAL B 230 -6.46 -19.46 -8.98
C VAL B 230 -6.11 -20.20 -10.28
N LEU B 231 -7.07 -20.79 -11.01
CA LEU B 231 -6.81 -21.55 -12.28
C LEU B 231 -6.28 -20.61 -13.39
N LYS B 232 -6.82 -19.39 -13.49
CA LYS B 232 -6.30 -18.39 -14.44
C LYS B 232 -4.84 -18.08 -14.06
N THR B 233 -4.52 -17.98 -12.77
CA THR B 233 -3.13 -17.66 -12.31
C THR B 233 -2.17 -18.80 -12.69
N ILE B 234 -2.63 -20.04 -12.57
CA ILE B 234 -1.78 -21.27 -12.76
C ILE B 234 -1.32 -21.27 -14.21
N ASP B 235 -2.32 -21.03 -15.06
CA ASP B 235 -2.28 -21.00 -16.53
C ASP B 235 -1.27 -19.94 -17.03
N GLU B 236 -1.55 -18.67 -16.77
CA GLU B 236 -0.64 -17.51 -17.00
C GLU B 236 0.74 -17.81 -16.37
N GLY B 237 0.72 -18.50 -15.21
CA GLY B 237 1.89 -18.96 -14.43
C GLY B 237 2.88 -19.77 -15.27
N ASP B 238 2.40 -20.41 -16.37
CA ASP B 238 3.18 -21.18 -17.37
C ASP B 238 3.35 -22.63 -16.87
N ALA B 239 2.48 -23.12 -16.00
CA ALA B 239 2.54 -24.51 -15.50
C ALA B 239 2.30 -25.46 -16.67
N ASP B 240 2.54 -26.76 -16.51
CA ASP B 240 2.38 -27.75 -17.61
C ASP B 240 0.98 -28.35 -17.47
N GLU B 241 0.56 -29.18 -18.43
CA GLU B 241 -0.88 -29.47 -18.68
C GLU B 241 -1.35 -30.50 -17.66
N VAL B 242 -0.44 -31.39 -17.24
CA VAL B 242 -0.69 -32.37 -16.15
C VAL B 242 -1.10 -31.61 -14.89
N THR B 243 -0.29 -30.63 -14.49
CA THR B 243 -0.53 -29.80 -13.28
C THR B 243 -1.94 -29.19 -13.39
N LYS B 244 -2.21 -28.54 -14.54
CA LYS B 244 -3.48 -27.83 -14.86
C LYS B 244 -4.66 -28.80 -14.78
N GLU B 245 -4.59 -29.90 -15.51
CA GLU B 245 -5.70 -30.88 -15.55
C GLU B 245 -5.78 -31.51 -14.15
N ARG B 246 -4.64 -31.59 -13.45
CA ARG B 246 -4.50 -32.24 -12.13
C ARG B 246 -5.27 -31.50 -11.02
N ILE B 247 -5.48 -30.18 -11.12
CA ILE B 247 -6.22 -29.43 -10.06
C ILE B 247 -7.73 -29.68 -10.24
N HIS B 248 -8.12 -30.72 -11.00
CA HIS B 248 -9.47 -31.33 -11.01
C HIS B 248 -9.44 -32.78 -11.57
N ASP B 249 -8.35 -33.54 -11.35
CA ASP B 249 -8.20 -34.98 -11.70
C ASP B 249 -8.28 -35.80 -10.40
N HIS B 250 -7.72 -35.25 -9.32
CA HIS B 250 -8.11 -35.49 -7.90
C HIS B 250 -8.89 -34.25 -7.43
N LYS B 251 -8.95 -34.02 -6.12
CA LYS B 251 -9.20 -32.67 -5.49
C LYS B 251 -8.09 -32.39 -4.46
N GLU B 252 -6.84 -32.21 -4.91
CA GLU B 252 -5.70 -31.95 -3.99
C GLU B 252 -5.78 -30.48 -3.57
N LYS B 253 -4.83 -30.08 -2.75
CA LYS B 253 -4.74 -28.74 -2.16
C LYS B 253 -3.52 -28.08 -2.79
N PRO B 254 -3.67 -27.32 -3.90
CA PRO B 254 -2.56 -26.55 -4.47
C PRO B 254 -2.22 -25.38 -3.55
N GLY B 255 -0.99 -25.35 -3.04
CA GLY B 255 -0.54 -24.31 -2.08
C GLY B 255 0.09 -23.10 -2.77
N ALA B 256 1.12 -23.30 -3.57
CA ALA B 256 1.98 -22.16 -3.96
C ALA B 256 2.53 -22.37 -5.35
N LEU B 257 2.75 -21.28 -6.07
CA LEU B 257 3.34 -21.24 -7.42
C LEU B 257 4.73 -20.67 -7.28
N TRP B 258 5.73 -21.52 -7.56
CA TRP B 258 7.16 -21.18 -7.61
C TRP B 258 7.57 -20.90 -9.05
N HIS B 259 8.53 -20.00 -9.21
CA HIS B 259 9.45 -19.96 -10.37
C HIS B 259 10.88 -20.08 -9.85
N ILE B 260 11.60 -21.11 -10.27
CA ILE B 260 13.02 -21.34 -9.92
C ILE B 260 13.88 -21.20 -11.17
N TYR B 261 15.04 -20.61 -11.03
CA TYR B 261 16.05 -20.44 -12.11
C TYR B 261 17.37 -21.13 -11.70
N ALA B 262 18.12 -21.68 -12.67
CA ALA B 262 19.48 -22.23 -12.47
C ALA B 262 20.43 -21.18 -11.87
N ALA B 263 21.31 -21.59 -10.93
CA ALA B 263 22.34 -20.72 -10.35
C ALA B 263 23.18 -20.06 -11.48
N LYS B 264 23.38 -20.73 -12.61
CA LYS B 264 24.26 -20.18 -13.69
C LYS B 264 23.57 -19.05 -14.45
N ASP B 265 22.26 -18.81 -14.27
CA ASP B 265 21.44 -17.85 -15.05
C ASP B 265 21.23 -16.58 -14.21
N ALA B 266 21.88 -16.48 -13.05
CA ALA B 266 21.56 -15.42 -12.07
C ALA B 266 22.03 -14.07 -12.63
N GLU B 267 23.19 -14.03 -13.29
CA GLU B 267 23.79 -12.75 -13.76
C GLU B 267 22.95 -12.23 -14.92
N LYS B 268 22.50 -13.10 -15.82
CA LYS B 268 21.62 -12.71 -16.94
C LYS B 268 20.37 -12.06 -16.36
N ILE B 269 19.80 -12.65 -15.28
CA ILE B 269 18.60 -12.12 -14.60
C ILE B 269 18.95 -10.74 -14.04
N ARG B 270 20.15 -10.56 -13.49
CA ARG B 270 20.58 -9.24 -12.94
C ARG B 270 20.62 -8.19 -14.07
N GLU B 271 21.24 -8.51 -15.20
CA GLU B 271 21.29 -7.63 -16.39
C GLU B 271 19.86 -7.14 -16.69
N LEU B 272 18.92 -8.05 -16.97
CA LEU B 272 17.50 -7.73 -17.30
C LEU B 272 16.91 -6.70 -16.32
N LEU B 273 17.03 -6.98 -15.02
CA LEU B 273 16.39 -6.17 -13.94
C LEU B 273 17.17 -4.87 -13.68
N ARG B 274 18.45 -4.78 -14.07
CA ARG B 274 19.16 -3.47 -14.09
C ARG B 274 18.49 -2.60 -15.18
N LYS B 275 18.33 -3.16 -16.38
CA LYS B 275 17.74 -2.50 -17.57
C LYS B 275 16.33 -2.02 -17.23
N VAL B 276 15.47 -2.91 -16.78
CA VAL B 276 14.03 -2.61 -16.51
C VAL B 276 13.92 -1.52 -15.44
N GLY B 277 14.74 -1.54 -14.38
CA GLY B 277 14.74 -0.52 -13.33
C GLY B 277 15.17 0.86 -13.86
N GLU B 278 16.16 0.89 -14.76
CA GLU B 278 16.62 2.12 -15.48
C GLU B 278 15.41 2.62 -16.27
N GLU B 279 14.67 1.70 -16.90
CA GLU B 279 13.45 1.99 -17.71
C GLU B 279 12.25 2.48 -16.86
N GLN B 280 12.30 2.28 -15.54
CA GLN B 280 11.20 2.60 -14.60
C GLN B 280 11.57 3.82 -13.75
N GLY B 281 12.77 4.38 -13.96
CA GLY B 281 13.22 5.60 -13.25
C GLY B 281 14.36 5.30 -12.30
N GLN B 282 14.22 4.29 -11.43
CA GLN B 282 15.28 3.83 -10.49
C GLN B 282 16.65 4.28 -11.03
N GLU B 283 17.45 4.94 -10.19
CA GLU B 283 18.87 5.28 -10.51
C GLU B 283 19.80 4.46 -9.60
N ASN B 284 20.52 3.51 -10.21
CA ASN B 284 21.34 2.50 -9.48
C ASN B 284 22.75 2.55 -10.08
N PRO B 285 23.83 2.34 -9.28
CA PRO B 285 25.16 2.16 -9.85
C PRO B 285 25.19 0.91 -10.72
N PRO B 286 26.20 0.72 -11.59
CA PRO B 286 26.23 -0.45 -12.47
C PRO B 286 26.58 -1.78 -11.74
N ASP B 287 26.99 -1.66 -10.46
CA ASP B 287 27.39 -2.75 -9.53
C ASP B 287 26.16 -3.36 -8.84
N HIS B 288 25.10 -2.57 -8.71
CA HIS B 288 23.90 -2.84 -7.89
C HIS B 288 23.30 -4.22 -8.20
N ASP B 289 22.81 -4.93 -7.16
CA ASP B 289 22.38 -6.35 -7.31
C ASP B 289 20.88 -6.48 -7.03
N PRO B 290 20.04 -6.56 -8.09
CA PRO B 290 18.60 -6.62 -7.89
C PRO B 290 18.09 -7.91 -7.21
N ILE B 291 18.79 -9.03 -7.40
CA ILE B 291 18.47 -10.32 -6.73
C ILE B 291 18.74 -10.12 -5.24
N HIS B 292 19.92 -9.59 -4.88
CA HIS B 292 20.27 -9.30 -3.47
C HIS B 292 19.19 -8.38 -2.85
N ASP B 293 18.62 -7.44 -3.63
CA ASP B 293 17.64 -6.44 -3.11
C ASP B 293 16.30 -7.06 -2.75
N GLN B 294 15.94 -8.23 -3.33
CA GLN B 294 14.68 -8.97 -3.01
C GLN B 294 13.45 -8.06 -3.22
N SER B 295 13.49 -7.20 -4.23
CA SER B 295 12.48 -6.13 -4.46
C SER B 295 11.59 -6.50 -5.66
N TRP B 296 11.97 -7.48 -6.50
CA TRP B 296 11.29 -7.86 -7.78
C TRP B 296 10.44 -9.13 -7.66
N TYR B 297 9.30 -9.17 -8.32
CA TYR B 297 8.59 -10.44 -8.64
C TYR B 297 8.41 -10.50 -10.15
N LEU B 298 8.89 -11.58 -10.79
CA LEU B 298 8.85 -11.72 -12.25
C LEU B 298 7.45 -12.15 -12.66
N ASP B 299 6.66 -11.19 -13.16
CA ASP B 299 5.27 -11.39 -13.66
C ASP B 299 5.31 -12.02 -15.04
N GLN B 300 4.16 -12.32 -15.65
CA GLN B 300 4.15 -12.99 -16.98
C GLN B 300 5.02 -12.20 -17.97
N THR B 301 4.92 -10.86 -17.98
CA THR B 301 5.65 -9.98 -18.94
C THR B 301 7.15 -10.13 -18.76
N LEU B 302 7.62 -10.01 -17.52
CA LEU B 302 9.08 -10.06 -17.19
C LEU B 302 9.66 -11.45 -17.52
N ARG B 303 8.97 -12.53 -17.19
CA ARG B 303 9.42 -13.92 -17.46
C ARG B 303 9.63 -14.08 -18.98
N LYS B 304 8.65 -13.66 -19.80
CA LYS B 304 8.69 -13.82 -21.26
C LYS B 304 9.84 -13.00 -21.84
N ARG B 305 9.96 -11.75 -21.43
CA ARG B 305 11.08 -10.86 -21.80
C ARG B 305 12.42 -11.53 -21.42
N LEU B 306 12.47 -12.23 -20.27
CA LEU B 306 13.68 -12.93 -19.78
C LEU B 306 14.02 -14.06 -20.75
N TYR B 307 13.01 -14.79 -21.19
CA TYR B 307 13.19 -15.87 -22.18
C TYR B 307 13.71 -15.30 -23.51
N GLU B 308 12.95 -14.34 -24.04
N GLU B 308 12.98 -14.31 -24.05
CA GLU B 308 13.17 -13.70 -25.37
CA GLU B 308 13.23 -13.79 -25.42
C GLU B 308 14.56 -13.06 -25.40
C GLU B 308 14.55 -13.01 -25.46
N GLU B 309 14.80 -12.10 -24.50
CA GLU B 309 16.02 -11.26 -24.54
C GLU B 309 17.26 -12.06 -24.13
N TYR B 310 17.17 -13.03 -23.21
CA TYR B 310 18.39 -13.67 -22.64
C TYR B 310 18.38 -15.19 -22.72
N GLY B 311 17.30 -15.81 -23.21
CA GLY B 311 17.27 -17.28 -23.41
C GLY B 311 17.02 -18.08 -22.14
N VAL B 312 16.61 -17.44 -21.03
CA VAL B 312 16.54 -18.09 -19.68
C VAL B 312 15.12 -18.56 -19.42
N GLN B 313 14.95 -19.86 -19.17
CA GLN B 313 13.65 -20.56 -19.24
C GLN B 313 12.99 -20.62 -17.85
N GLY B 314 13.69 -21.07 -16.81
CA GLY B 314 13.09 -21.22 -15.45
C GLY B 314 12.14 -22.42 -15.33
N TRP B 315 11.90 -22.90 -14.10
CA TRP B 315 10.91 -23.98 -13.79
C TRP B 315 9.68 -23.38 -13.10
N ALA B 316 8.47 -23.63 -13.60
CA ALA B 316 7.20 -23.26 -12.94
C ALA B 316 6.71 -24.46 -12.14
N ILE B 317 6.62 -24.34 -10.83
CA ILE B 317 6.25 -25.49 -9.94
C ILE B 317 5.04 -25.10 -9.09
N VAL B 318 4.01 -25.95 -9.09
CA VAL B 318 2.89 -25.88 -8.14
C VAL B 318 3.19 -26.88 -7.02
N GLN B 319 3.39 -26.37 -5.80
CA GLN B 319 3.60 -27.18 -4.57
C GLN B 319 2.24 -27.42 -3.90
N PHE B 320 1.80 -28.68 -3.87
CA PHE B 320 0.57 -29.16 -3.21
C PHE B 320 0.91 -29.59 -1.77
N LEU B 321 -0.11 -29.85 -0.97
CA LEU B 321 0.07 -30.40 0.40
C LEU B 321 1.04 -31.58 0.34
N GLY B 322 2.06 -31.56 1.20
CA GLY B 322 3.07 -32.64 1.38
C GLY B 322 4.17 -32.64 0.34
N ASP B 323 4.20 -31.70 -0.61
CA ASP B 323 5.30 -31.59 -1.59
C ASP B 323 6.51 -30.90 -0.95
N ALA B 324 7.68 -31.53 -1.04
CA ALA B 324 8.98 -30.96 -0.65
C ALA B 324 9.68 -30.53 -1.94
N VAL B 325 10.13 -29.26 -1.99
CA VAL B 325 10.87 -28.69 -3.15
C VAL B 325 12.33 -28.52 -2.72
N PHE B 326 13.25 -29.23 -3.40
CA PHE B 326 14.71 -29.09 -3.24
C PHE B 326 15.23 -27.93 -4.09
N ILE B 327 15.95 -27.01 -3.47
CA ILE B 327 16.40 -25.75 -4.16
C ILE B 327 17.91 -25.74 -4.13
N PRO B 328 18.63 -25.85 -5.28
CA PRO B 328 20.10 -25.74 -5.28
C PRO B 328 20.61 -24.40 -4.73
N ALA B 329 21.71 -24.42 -3.99
CA ALA B 329 22.39 -23.17 -3.56
C ALA B 329 22.57 -22.20 -4.76
N GLY B 330 22.15 -20.95 -4.61
CA GLY B 330 22.38 -19.90 -5.63
C GLY B 330 21.35 -19.89 -6.76
N ALA B 331 20.38 -20.80 -6.77
CA ALA B 331 19.31 -20.81 -7.78
C ALA B 331 18.26 -19.78 -7.34
N PRO B 332 18.10 -18.66 -8.08
CA PRO B 332 17.08 -17.66 -7.75
C PRO B 332 15.67 -18.24 -7.83
N HIS B 333 14.84 -17.85 -6.86
CA HIS B 333 13.46 -18.32 -6.75
C HIS B 333 12.55 -17.22 -6.16
N GLN B 334 11.27 -17.31 -6.50
CA GLN B 334 10.18 -16.41 -6.04
C GLN B 334 9.00 -17.32 -5.76
N VAL B 335 8.11 -16.92 -4.83
CA VAL B 335 6.94 -17.75 -4.43
C VAL B 335 5.66 -16.91 -4.37
N HIS B 336 4.60 -17.45 -4.95
CA HIS B 336 3.27 -16.81 -4.98
C HIS B 336 2.25 -17.78 -4.39
N ASN B 337 1.82 -17.56 -3.14
CA ASN B 337 0.80 -18.40 -2.45
C ASN B 337 -0.57 -18.25 -3.12
N LEU B 338 -1.16 -19.35 -3.57
CA LEU B 338 -2.47 -19.40 -4.24
C LEU B 338 -3.57 -19.49 -3.19
N TYR B 339 -3.28 -20.14 -2.07
CA TYR B 339 -4.11 -20.15 -0.84
C TYR B 339 -3.19 -19.89 0.35
N SER B 340 -3.74 -19.91 1.55
CA SER B 340 -2.96 -19.76 2.81
C SER B 340 -2.13 -21.05 3.04
N CYS B 341 -0.83 -20.90 3.27
CA CYS B 341 0.16 -22.00 3.36
C CYS B 341 0.91 -21.97 4.68
N ILE B 342 1.08 -23.13 5.32
CA ILE B 342 2.18 -23.33 6.33
C ILE B 342 3.26 -24.17 5.64
N LYS B 343 4.48 -23.65 5.53
CA LYS B 343 5.65 -24.33 4.94
C LYS B 343 6.80 -24.34 5.95
N VAL B 344 7.59 -25.44 6.00
CA VAL B 344 8.82 -25.56 6.81
C VAL B 344 9.97 -25.99 5.92
N ALA B 345 11.13 -25.37 6.12
CA ALA B 345 12.32 -25.49 5.27
C ALA B 345 13.52 -25.78 6.16
N GLU B 346 14.47 -26.56 5.65
CA GLU B 346 15.72 -26.92 6.35
C GLU B 346 16.86 -26.66 5.37
N ASP B 347 17.90 -25.95 5.80
CA ASP B 347 19.07 -25.67 4.95
C ASP B 347 20.00 -26.89 5.09
N PHE B 348 20.77 -27.20 4.06
CA PHE B 348 21.83 -28.22 4.11
C PHE B 348 22.96 -27.86 3.11
N VAL B 349 24.04 -28.65 3.12
CA VAL B 349 25.15 -28.51 2.13
C VAL B 349 25.49 -29.88 1.52
N SER B 350 25.19 -30.03 0.24
CA SER B 350 25.52 -31.25 -0.52
C SER B 350 26.93 -31.14 -1.09
N PRO B 351 27.67 -32.25 -1.17
CA PRO B 351 28.96 -32.23 -1.86
C PRO B 351 28.95 -31.65 -3.28
N GLU B 352 27.94 -32.04 -4.06
CA GLU B 352 27.69 -31.60 -5.44
C GLU B 352 27.75 -30.08 -5.52
N HIS B 353 27.28 -29.33 -4.50
CA HIS B 353 27.19 -27.86 -4.56
C HIS B 353 28.18 -27.16 -3.63
N VAL B 354 29.19 -27.82 -3.11
CA VAL B 354 30.06 -27.15 -2.10
C VAL B 354 30.85 -25.98 -2.70
N LYS B 355 31.29 -26.06 -3.96
CA LYS B 355 31.98 -24.95 -4.66
C LYS B 355 31.09 -23.70 -4.64
N HIS B 356 29.84 -23.83 -5.03
CA HIS B 356 28.86 -22.72 -5.08
C HIS B 356 28.73 -22.12 -3.68
N CYS B 357 28.51 -22.96 -2.67
CA CYS B 357 28.28 -22.51 -1.28
C CYS B 357 29.46 -21.62 -0.86
N PHE B 358 30.69 -21.93 -1.26
CA PHE B 358 31.88 -21.12 -0.90
C PHE B 358 31.82 -19.75 -1.62
N ARG B 359 31.44 -19.75 -2.88
CA ARG B 359 31.42 -18.51 -3.70
C ARG B 359 30.28 -17.62 -3.21
N LEU B 360 29.08 -18.19 -3.09
CA LEU B 360 27.89 -17.44 -2.62
C LEU B 360 28.18 -16.87 -1.23
N THR B 361 28.91 -17.59 -0.36
CA THR B 361 29.22 -17.12 1.02
C THR B 361 30.16 -15.88 0.91
N GLN B 362 31.16 -15.93 0.02
CA GLN B 362 32.17 -14.87 -0.29
C GLN B 362 31.42 -13.60 -0.75
N GLU B 363 30.55 -13.73 -1.76
CA GLU B 363 29.75 -12.64 -2.36
C GLU B 363 28.79 -12.08 -1.30
N PHE B 364 28.26 -12.88 -0.38
CA PHE B 364 27.27 -12.38 0.60
C PHE B 364 28.00 -11.48 1.61
N ARG B 365 29.24 -11.82 2.00
CA ARG B 365 30.10 -10.93 2.81
C ARG B 365 30.43 -9.61 2.08
N HIS B 366 30.76 -9.65 0.79
CA HIS B 366 31.09 -8.45 -0.03
C HIS B 366 29.84 -7.55 -0.13
N LEU B 367 28.69 -8.07 -0.56
CA LEU B 367 27.39 -7.34 -0.64
C LEU B 367 26.98 -6.80 0.73
N SER B 368 27.52 -7.34 1.83
CA SER B 368 27.15 -6.99 3.22
C SER B 368 27.75 -5.64 3.65
N ASN B 369 29.06 -5.45 3.51
CA ASN B 369 29.80 -4.29 4.09
C ASN B 369 30.28 -3.35 2.98
C4 S3V C . -7.54 18.90 -0.69
C5 S3V C . -7.36 20.11 -1.50
N S3V C . -8.12 16.72 0.88
C S3V C . -6.97 17.69 -1.01
O S3V C . -7.61 21.25 -1.16
C1 S3V C . -7.30 16.62 -0.19
C2 S3V C . -8.64 17.89 1.16
C3 S3V C . -8.38 19.02 0.42
O1 S3V C . -6.84 19.91 -2.75
CL CL D . -8.50 22.76 22.21
CL CL E . 10.79 27.98 6.25
CL CL F . -8.19 13.53 -7.63
CL CL G . -18.15 9.09 12.83
MN MN H . -8.65 14.95 1.95
C4 S3V I . 9.83 -19.05 0.71
C5 S3V I . 8.33 -18.91 0.85
N S3V I . 12.61 -19.18 0.13
C S3V I . 10.72 -18.04 1.10
O S3V I . 7.65 -17.86 0.98
C1 S3V I . 12.09 -18.16 0.76
C2 S3V I . 11.77 -20.16 -0.18
C3 S3V I . 10.40 -20.16 0.08
O1 S3V I . 7.65 -20.07 0.80
CL CL J . 6.11 -28.33 19.69
MN MN K . 14.64 -18.92 -0.37
#